data_5WI8
#
_entry.id   5WI8
#
_cell.length_a   65.011
_cell.length_b   61.763
_cell.length_c   110.750
_cell.angle_alpha   90.000
_cell.angle_beta   91.530
_cell.angle_gamma   90.000
#
_symmetry.space_group_name_H-M   'P 1 21 1'
#
loop_
_entity.id
_entity.type
_entity.pdbx_description
1 polymer 'Tumor necrosis factor receptor superfamily member 9'
2 branched beta-D-mannopyranose-(1-4)-2-acetamido-2-deoxy-beta-D-glucopyranose-(1-4)-[alpha-L-fucopyranose-(1-6)]2-acetamido-2-deoxy-beta-D-glucopyranose
3 branched alpha-D-mannopyranose-(1-6)-beta-D-mannopyranose-(1-4)-2-acetamido-2-deoxy-beta-D-glucopyranose-(1-4)-[alpha-L-fucopyranose-(1-6)]2-acetamido-2-deoxy-beta-D-glucopyranose
4 branched alpha-D-mannopyranose-(1-3)-beta-D-mannopyranose-(1-4)-2-acetamido-2-deoxy-beta-D-glucopyranose-(1-4)-2-acetamido-2-deoxy-beta-D-glucopyranose
5 non-polymer GLYCEROL
6 non-polymer 1,2-ETHANEDIOL
7 non-polymer 2-acetamido-2-deoxy-beta-D-glucopyranose
8 water water
#
_entity_poly.entity_id   1
_entity_poly.type   'polypeptide(L)'
_entity_poly.pdbx_seq_one_letter_code
;LEVQNSCDNCQPGTFCRKYNPVCKSCPPSTFSSIGGQPNCNICRVCAGYFRFKKFCSSTHNAECECIEGFHCLGPQCTRC
EKDCRPGQELTKQGCKTCSLGTFNDQNGTGVCRPWTNCSLDGRSVLKTGTTEKDVVCGPLVPR
;
_entity_poly.pdbx_strand_id   A,B,C,D
#
loop_
_chem_comp.id
_chem_comp.type
_chem_comp.name
_chem_comp.formula
BMA D-saccharide, beta linking beta-D-mannopyranose 'C6 H12 O6'
EDO non-polymer 1,2-ETHANEDIOL 'C2 H6 O2'
FUC L-saccharide, alpha linking alpha-L-fucopyranose 'C6 H12 O5'
GOL non-polymer GLYCEROL 'C3 H8 O3'
MAN D-saccharide, alpha linking alpha-D-mannopyranose 'C6 H12 O6'
NAG D-saccharide, beta linking 2-acetamido-2-deoxy-beta-D-glucopyranose 'C8 H15 N O6'
#
# COMPACT_ATOMS: atom_id res chain seq x y z
N SER A 6 22.84 33.31 -2.52
CA SER A 6 23.65 32.33 -3.35
C SER A 6 22.79 31.22 -4.08
N CYS A 7 23.31 30.87 -5.25
CA CYS A 7 22.73 29.85 -6.15
C CYS A 7 22.63 28.42 -5.55
N ASP A 8 23.37 28.16 -4.47
CA ASP A 8 23.33 26.87 -3.75
C ASP A 8 22.09 26.64 -2.85
N ASN A 9 21.27 27.67 -2.62
CA ASN A 9 20.01 27.54 -1.85
C ASN A 9 18.83 27.03 -2.69
N CYS A 10 19.04 26.80 -3.99
CA CYS A 10 18.00 26.26 -4.87
C CYS A 10 17.65 24.82 -4.50
N GLN A 11 16.38 24.47 -4.71
CA GLN A 11 15.84 23.14 -4.42
C GLN A 11 15.99 22.17 -5.60
N PRO A 12 15.68 20.84 -5.39
CA PRO A 12 15.75 19.97 -6.57
C PRO A 12 14.64 20.29 -7.56
N GLY A 13 14.77 19.85 -8.80
CA GLY A 13 13.80 20.21 -9.86
C GLY A 13 13.97 21.57 -10.51
N THR A 14 15.17 22.14 -10.38
CA THR A 14 15.49 23.47 -10.90
C THR A 14 16.91 23.57 -11.46
N PHE A 15 17.14 24.63 -12.23
CA PHE A 15 18.49 25.04 -12.63
C PHE A 15 18.69 26.51 -12.29
N CYS A 16 19.96 26.89 -12.11
CA CYS A 16 20.32 28.24 -11.65
C CYS A 16 21.73 28.63 -12.12
N ARG A 17 21.85 29.86 -12.61
CA ARG A 17 23.11 30.39 -13.13
C ARG A 17 23.83 31.25 -12.08
N LYS A 18 25.14 31.09 -12.00
CA LYS A 18 25.98 31.83 -11.06
C LYS A 18 25.91 33.36 -11.22
N TYR A 19 25.87 33.81 -12.47
CA TYR A 19 25.87 35.26 -12.78
C TYR A 19 24.53 35.95 -12.51
N ASN A 20 23.43 35.21 -12.61
CA ASN A 20 22.07 35.75 -12.33
C ASN A 20 21.23 34.72 -11.54
N PRO A 21 21.45 34.62 -10.21
CA PRO A 21 20.80 33.59 -9.38
C PRO A 21 19.27 33.69 -9.30
N VAL A 22 18.64 32.80 -10.05
CA VAL A 22 17.21 32.50 -9.90
C VAL A 22 17.03 30.98 -10.02
N CYS A 23 16.11 30.43 -9.23
CA CYS A 23 15.80 28.99 -9.30
C CYS A 23 14.72 28.76 -10.34
N LYS A 24 15.14 28.77 -11.61
CA LYS A 24 14.24 28.51 -12.73
C LYS A 24 13.93 27.01 -12.80
N SER A 25 12.65 26.67 -12.99
CA SER A 25 12.21 25.27 -13.07
C SER A 25 12.83 24.54 -14.26
N CYS A 26 13.22 23.30 -14.05
CA CYS A 26 13.66 22.42 -15.14
C CYS A 26 12.53 22.28 -16.17
N PRO A 27 12.81 22.52 -17.47
CA PRO A 27 11.75 22.40 -18.48
C PRO A 27 11.33 20.94 -18.74
N PRO A 28 10.24 20.73 -19.50
CA PRO A 28 9.75 19.39 -19.78
C PRO A 28 10.79 18.42 -20.35
N SER A 29 10.66 17.15 -19.97
CA SER A 29 11.58 16.07 -20.39
C SER A 29 13.05 16.35 -20.02
N THR A 30 13.25 17.05 -18.92
CA THR A 30 14.57 17.24 -18.30
C THR A 30 14.41 17.13 -16.79
N PHE A 31 15.53 17.00 -16.09
CA PHE A 31 15.50 16.84 -14.63
C PHE A 31 16.79 17.25 -13.93
N SER A 32 16.66 17.51 -12.64
CA SER A 32 17.79 17.68 -11.73
C SER A 32 17.41 17.15 -10.34
N SER A 33 18.18 16.17 -9.86
CA SER A 33 17.96 15.59 -8.53
C SER A 33 18.71 16.34 -7.43
N ILE A 34 19.87 16.91 -7.79
CA ILE A 34 20.76 17.55 -6.82
C ILE A 34 20.23 18.90 -6.36
N GLY A 35 20.20 19.87 -7.27
CA GLY A 35 19.73 21.22 -6.91
C GLY A 35 19.99 22.29 -7.94
N GLY A 36 20.76 23.31 -7.55
CA GLY A 36 20.98 24.51 -8.37
C GLY A 36 22.16 24.43 -9.31
N GLN A 37 22.15 23.42 -10.17
CA GLN A 37 23.18 23.24 -11.21
C GLN A 37 22.85 24.18 -12.38
N PRO A 38 23.87 24.55 -13.19
CA PRO A 38 23.61 25.41 -14.35
C PRO A 38 22.78 24.79 -15.48
N ASN A 39 22.69 23.46 -15.48
CA ASN A 39 21.85 22.73 -16.46
C ASN A 39 20.93 21.69 -15.82
N CYS A 40 19.91 21.32 -16.58
CA CYS A 40 19.13 20.10 -16.30
C CYS A 40 19.62 19.00 -17.22
N ASN A 41 19.49 17.76 -16.76
CA ASN A 41 19.87 16.58 -17.53
C ASN A 41 18.68 16.13 -18.36
N ILE A 42 18.93 15.65 -19.58
CA ILE A 42 17.87 15.14 -20.44
C ILE A 42 17.34 13.81 -19.90
N CYS A 43 16.02 13.69 -19.88
CA CYS A 43 15.34 12.48 -19.38
C CYS A 43 15.62 11.28 -20.26
N ARG A 44 15.82 10.12 -19.63
CA ARG A 44 15.94 8.86 -20.34
C ARG A 44 14.60 8.48 -20.93
N VAL A 45 14.67 7.78 -22.06
CA VAL A 45 13.50 7.18 -22.68
C VAL A 45 13.70 5.65 -22.69
N CYS A 46 12.61 4.93 -22.48
CA CYS A 46 12.63 3.45 -22.46
C CYS A 46 11.71 2.96 -23.57
N ALA A 47 12.34 2.53 -24.67
CA ALA A 47 11.62 2.07 -25.87
C ALA A 47 12.19 0.75 -26.40
N GLY A 48 11.48 0.20 -27.39
CA GLY A 48 11.90 -1.02 -28.07
C GLY A 48 11.81 -2.25 -27.19
N TYR A 49 12.99 -2.80 -26.85
CA TYR A 49 13.12 -3.89 -25.87
C TYR A 49 12.94 -3.43 -24.43
N PHE A 50 13.11 -2.12 -24.21
CA PHE A 50 12.93 -1.51 -22.90
C PHE A 50 11.53 -0.91 -22.71
N ARG A 51 11.12 -0.91 -21.45
CA ARG A 51 9.88 -0.28 -20.97
C ARG A 51 10.18 0.52 -19.73
N PHE A 52 9.26 1.42 -19.40
CA PHE A 52 9.40 2.26 -18.22
C PHE A 52 9.04 1.52 -16.95
N LYS A 53 9.99 1.46 -16.02
CA LYS A 53 9.78 1.00 -14.63
C LYS A 53 9.41 2.18 -13.73
N LYS A 54 10.11 3.28 -13.95
CA LYS A 54 9.77 4.58 -13.39
C LYS A 54 9.77 5.58 -14.52
N PHE A 55 8.90 6.57 -14.41
CA PHE A 55 8.86 7.64 -15.41
C PHE A 55 9.70 8.81 -14.95
N CYS A 56 10.00 9.69 -15.90
CA CYS A 56 10.76 10.89 -15.60
C CYS A 56 9.87 11.93 -14.94
N SER A 57 10.47 12.69 -14.04
CA SER A 57 9.88 13.92 -13.50
C SER A 57 10.96 14.99 -13.42
N SER A 58 10.61 16.17 -12.90
CA SER A 58 11.60 17.26 -12.76
C SER A 58 12.71 16.95 -11.76
N THR A 59 12.44 16.03 -10.85
CA THR A 59 13.34 15.70 -9.72
C THR A 59 14.12 14.40 -9.86
N HIS A 60 13.55 13.41 -10.54
CA HIS A 60 14.23 12.13 -10.76
C HIS A 60 14.17 11.73 -12.22
N ASN A 61 15.15 10.93 -12.62
CA ASN A 61 15.21 10.39 -13.98
C ASN A 61 14.26 9.21 -14.11
N ALA A 62 13.88 8.91 -15.34
CA ALA A 62 13.19 7.67 -15.66
C ALA A 62 14.14 6.48 -15.47
N GLU A 63 13.55 5.33 -15.13
CA GLU A 63 14.27 4.06 -14.96
C GLU A 63 13.63 2.97 -15.83
N CYS A 64 14.44 2.13 -16.48
CA CYS A 64 13.91 1.11 -17.41
C CYS A 64 13.81 -0.35 -16.90
N GLU A 65 12.85 -1.05 -17.51
CA GLU A 65 12.60 -2.49 -17.38
C GLU A 65 12.83 -3.09 -18.76
N CYS A 66 12.93 -4.41 -18.83
CA CYS A 66 12.84 -5.13 -20.10
C CYS A 66 11.43 -5.62 -20.34
N ILE A 67 11.10 -5.80 -21.62
CA ILE A 67 9.81 -6.40 -22.04
C ILE A 67 9.68 -7.86 -21.64
N GLU A 68 8.47 -8.40 -21.80
CA GLU A 68 8.20 -9.82 -21.56
C GLU A 68 9.08 -10.69 -22.45
N GLY A 69 9.61 -11.76 -21.86
CA GLY A 69 10.53 -12.67 -22.56
C GLY A 69 11.99 -12.26 -22.48
N PHE A 70 12.25 -11.18 -21.76
CA PHE A 70 13.60 -10.62 -21.59
C PHE A 70 13.81 -10.16 -20.15
N HIS A 71 15.07 -9.93 -19.81
CA HIS A 71 15.44 -9.49 -18.47
C HIS A 71 16.64 -8.56 -18.46
N CYS A 72 16.70 -7.70 -17.46
CA CYS A 72 17.76 -6.69 -17.37
C CYS A 72 19.08 -7.39 -17.10
N LEU A 73 20.10 -6.91 -17.79
CA LEU A 73 21.47 -7.37 -17.62
C LEU A 73 22.30 -6.16 -17.24
N GLY A 74 23.11 -6.32 -16.21
CA GLY A 74 24.09 -5.31 -15.83
C GLY A 74 23.70 -4.45 -14.62
N PRO A 75 24.41 -3.33 -14.42
CA PRO A 75 24.24 -2.52 -13.21
C PRO A 75 22.91 -1.77 -13.15
N GLN A 76 22.65 -0.94 -14.16
CA GLN A 76 21.45 -0.11 -14.23
C GLN A 76 20.57 -0.46 -15.44
N CYS A 77 20.39 -1.75 -15.65
CA CYS A 77 19.63 -2.29 -16.81
C CYS A 77 20.09 -1.66 -18.13
N THR A 78 21.40 -1.76 -18.40
CA THR A 78 22.02 -1.15 -19.60
C THR A 78 21.66 -1.93 -20.87
N ARG A 79 21.48 -3.24 -20.74
CA ARG A 79 20.91 -4.06 -21.83
C ARG A 79 19.90 -5.08 -21.36
N CYS A 80 19.14 -5.57 -22.34
CA CYS A 80 18.21 -6.68 -22.15
C CYS A 80 18.80 -7.97 -22.73
N GLU A 81 18.56 -9.07 -22.02
CA GLU A 81 18.92 -10.42 -22.49
C GLU A 81 17.68 -11.27 -22.57
N LYS A 82 17.61 -12.12 -23.59
CA LYS A 82 16.48 -13.04 -23.74
C LYS A 82 16.49 -14.06 -22.61
N ASP A 83 15.30 -14.40 -22.13
CA ASP A 83 15.14 -15.33 -21.01
C ASP A 83 15.71 -16.68 -21.40
N CYS A 84 16.25 -17.38 -20.41
CA CYS A 84 17.08 -18.55 -20.63
C CYS A 84 16.34 -19.72 -21.28
N ARG A 85 17.05 -20.45 -22.14
CA ARG A 85 16.56 -21.72 -22.72
C ARG A 85 16.70 -22.83 -21.69
N PRO A 86 16.11 -24.02 -21.97
CA PRO A 86 16.42 -25.17 -21.11
C PRO A 86 17.89 -25.60 -21.28
N GLY A 87 18.48 -26.01 -20.16
CA GLY A 87 19.92 -26.27 -20.10
C GLY A 87 20.73 -25.08 -19.61
N GLN A 88 20.08 -23.92 -19.57
CA GLN A 88 20.67 -22.71 -19.00
C GLN A 88 20.02 -22.38 -17.66
N GLU A 89 20.67 -21.45 -16.96
CA GLU A 89 20.19 -20.90 -15.69
C GLU A 89 20.43 -19.40 -15.66
N LEU A 90 19.52 -18.66 -15.05
CA LEU A 90 19.71 -17.21 -14.88
C LEU A 90 20.60 -16.91 -13.67
N THR A 91 21.77 -16.36 -13.96
CA THR A 91 22.70 -15.84 -12.93
C THR A 91 22.95 -14.33 -13.10
N LYS A 92 23.67 -13.75 -12.14
CA LYS A 92 24.01 -12.31 -12.15
C LYS A 92 24.76 -11.82 -13.40
N GLN A 93 25.61 -12.69 -13.95
CA GLN A 93 26.29 -12.43 -15.25
C GLN A 93 25.47 -12.80 -16.51
N GLY A 94 24.20 -13.17 -16.31
CA GLY A 94 23.22 -13.38 -17.38
C GLY A 94 23.00 -14.86 -17.49
N CYS A 95 22.21 -15.28 -18.47
CA CYS A 95 22.06 -16.71 -18.75
C CYS A 95 23.40 -17.42 -18.92
N LYS A 96 23.54 -18.55 -18.22
CA LYS A 96 24.72 -19.42 -18.34
C LYS A 96 24.34 -20.90 -18.32
N THR A 97 25.03 -21.69 -19.13
CA THR A 97 24.78 -23.14 -19.26
C THR A 97 25.04 -23.87 -17.94
N CYS A 98 24.22 -24.89 -17.69
CA CYS A 98 24.31 -25.71 -16.47
C CYS A 98 25.64 -26.47 -16.43
N SER A 99 26.32 -26.39 -15.29
CA SER A 99 27.60 -27.08 -15.11
C SER A 99 27.41 -28.60 -15.07
N LEU A 100 28.49 -29.34 -15.36
CA LEU A 100 28.41 -30.80 -15.52
C LEU A 100 27.84 -31.48 -14.28
N GLY A 101 26.92 -32.42 -14.50
CA GLY A 101 26.24 -33.15 -13.43
C GLY A 101 24.88 -32.57 -13.04
N THR A 102 24.56 -31.42 -13.58
CA THR A 102 23.34 -30.67 -13.24
C THR A 102 22.47 -30.49 -14.48
N PHE A 103 21.22 -30.12 -14.26
CA PHE A 103 20.30 -29.87 -15.37
C PHE A 103 19.16 -28.91 -15.04
N ASN A 104 18.51 -28.44 -16.10
CA ASN A 104 17.28 -27.69 -16.01
C ASN A 104 16.44 -27.89 -17.28
N ASP A 105 15.31 -28.59 -17.11
CA ASP A 105 14.39 -28.89 -18.22
C ASP A 105 13.39 -27.77 -18.53
N GLN A 106 13.36 -26.74 -17.69
CA GLN A 106 12.38 -25.66 -17.80
C GLN A 106 12.79 -24.54 -18.77
N ASN A 107 11.81 -24.05 -19.51
CA ASN A 107 12.00 -22.98 -20.50
C ASN A 107 11.70 -21.61 -19.90
N GLY A 108 12.65 -20.69 -20.01
CA GLY A 108 12.47 -19.30 -19.54
C GLY A 108 12.35 -19.14 -18.04
N THR A 109 12.75 -20.15 -17.30
CA THR A 109 12.66 -20.16 -15.84
C THR A 109 13.51 -21.28 -15.23
N GLY A 110 13.51 -21.34 -13.90
CA GLY A 110 14.11 -22.45 -13.17
C GLY A 110 15.59 -22.31 -12.85
N VAL A 111 16.08 -23.30 -12.12
CA VAL A 111 17.43 -23.33 -11.58
C VAL A 111 18.07 -24.68 -11.88
N CYS A 112 19.36 -24.68 -12.19
CA CYS A 112 20.11 -25.92 -12.44
C CYS A 112 20.17 -26.75 -11.15
N ARG A 113 19.57 -27.92 -11.19
CA ARG A 113 19.53 -28.85 -10.06
C ARG A 113 20.34 -30.10 -10.40
N PRO A 114 20.95 -30.75 -9.40
CA PRO A 114 21.79 -31.91 -9.70
C PRO A 114 20.98 -33.12 -10.15
N TRP A 115 21.61 -33.93 -11.00
CA TRP A 115 20.98 -35.15 -11.51
C TRP A 115 20.59 -36.09 -10.38
N THR A 116 19.49 -36.82 -10.60
CA THR A 116 19.14 -37.90 -9.71
C THR A 116 20.31 -38.86 -9.62
N ASN A 117 20.57 -39.29 -8.39
CA ASN A 117 21.64 -40.22 -8.10
C ASN A 117 21.02 -41.59 -7.84
N CYS A 118 21.09 -42.46 -8.86
CA CYS A 118 20.45 -43.78 -8.77
C CYS A 118 21.06 -44.70 -7.70
N SER A 119 22.36 -44.55 -7.41
CA SER A 119 23.01 -45.33 -6.33
C SER A 119 22.44 -44.97 -4.96
N LEU A 120 22.20 -43.68 -4.74
CA LEU A 120 21.61 -43.14 -3.50
C LEU A 120 20.20 -43.71 -3.23
N ASP A 121 19.46 -43.98 -4.31
CA ASP A 121 18.14 -44.62 -4.22
C ASP A 121 18.19 -46.16 -4.24
N GLY A 122 19.40 -46.69 -4.39
CA GLY A 122 19.61 -48.14 -4.52
C GLY A 122 19.12 -48.69 -5.84
N ARG A 123 19.37 -47.97 -6.92
CA ARG A 123 18.93 -48.35 -8.28
C ARG A 123 20.00 -48.26 -9.35
N SER A 124 19.68 -48.84 -10.51
CA SER A 124 20.54 -48.80 -11.70
C SER A 124 20.18 -47.63 -12.63
N VAL A 125 21.11 -47.30 -13.54
CA VAL A 125 20.89 -46.19 -14.51
C VAL A 125 20.35 -46.75 -15.83
N LEU A 126 19.14 -46.33 -16.19
CA LEU A 126 18.53 -46.66 -17.49
C LEU A 126 18.94 -45.70 -18.60
N LYS A 127 18.88 -44.40 -18.29
CA LYS A 127 19.33 -43.34 -19.23
C LYS A 127 20.19 -42.30 -18.56
N THR A 128 21.13 -41.78 -19.35
CA THR A 128 22.11 -40.80 -18.90
C THR A 128 21.50 -39.40 -18.88
N GLY A 129 22.07 -38.55 -18.03
CA GLY A 129 21.68 -37.15 -17.92
C GLY A 129 22.25 -36.22 -18.98
N THR A 130 21.59 -35.08 -19.14
CA THR A 130 21.93 -34.01 -20.08
C THR A 130 21.84 -32.70 -19.30
N THR A 131 22.31 -31.61 -19.88
CA THR A 131 22.06 -30.26 -19.34
C THR A 131 20.57 -29.90 -19.27
N GLU A 132 19.77 -30.51 -20.14
CA GLU A 132 18.30 -30.28 -20.24
C GLU A 132 17.43 -31.45 -19.75
N LYS A 133 18.05 -32.57 -19.40
CA LYS A 133 17.34 -33.83 -19.08
C LYS A 133 17.93 -34.54 -17.87
N ASP A 134 17.05 -34.93 -16.95
CA ASP A 134 17.47 -35.73 -15.79
C ASP A 134 17.82 -37.16 -16.21
N VAL A 135 18.68 -37.77 -15.40
CA VAL A 135 18.97 -39.20 -15.46
C VAL A 135 17.68 -39.95 -15.21
N VAL A 136 17.48 -41.06 -15.93
CA VAL A 136 16.38 -41.99 -15.67
C VAL A 136 16.97 -43.18 -14.93
N CYS A 137 16.38 -43.50 -13.77
CA CYS A 137 16.81 -44.67 -12.96
C CYS A 137 15.99 -45.91 -13.30
N GLY A 138 16.52 -47.05 -12.87
CA GLY A 138 15.97 -48.38 -13.16
C GLY A 138 15.38 -49.08 -11.95
N PRO A 139 15.37 -50.43 -11.98
CA PRO A 139 15.05 -51.28 -10.84
C PRO A 139 16.07 -51.22 -9.70
N LEU A 140 15.77 -51.97 -8.64
CA LEU A 140 16.37 -51.77 -7.31
C LEU A 140 17.61 -52.61 -6.96
N VAL A 141 18.12 -53.46 -7.86
CA VAL A 141 19.28 -54.35 -7.61
C VAL A 141 18.96 -55.48 -6.62
N ASN B 5 -16.09 -35.57 1.77
CA ASN B 5 -15.13 -36.60 1.23
C ASN B 5 -14.13 -36.12 0.14
N SER B 6 -13.92 -34.81 0.00
CA SER B 6 -12.94 -34.25 -0.91
C SER B 6 -12.32 -32.95 -0.33
N CYS B 7 -11.09 -33.10 0.15
CA CYS B 7 -10.42 -32.10 1.00
C CYS B 7 -10.09 -30.73 0.37
N ASP B 8 -10.04 -30.67 -0.96
CA ASP B 8 -9.78 -29.41 -1.70
C ASP B 8 -10.96 -28.42 -1.80
N ASN B 9 -12.16 -28.85 -1.39
CA ASN B 9 -13.36 -27.98 -1.34
C ASN B 9 -13.44 -27.12 -0.08
N CYS B 10 -12.49 -27.28 0.84
CA CYS B 10 -12.44 -26.47 2.06
C CYS B 10 -12.11 -25.01 1.77
N GLN B 11 -12.68 -24.13 2.59
CA GLN B 11 -12.45 -22.67 2.49
C GLN B 11 -11.22 -22.24 3.30
N PRO B 12 -10.77 -20.96 3.16
CA PRO B 12 -9.64 -20.55 4.03
C PRO B 12 -10.06 -20.37 5.46
N GLY B 13 -9.11 -20.31 6.38
CA GLY B 13 -9.46 -20.24 7.79
C GLY B 13 -9.73 -21.60 8.39
N THR B 14 -9.30 -22.65 7.67
CA THR B 14 -9.51 -24.06 8.09
C THR B 14 -8.31 -24.94 7.77
N PHE B 15 -8.30 -26.11 8.42
CA PHE B 15 -7.39 -27.21 8.06
C PHE B 15 -8.20 -28.49 7.86
N CYS B 16 -7.62 -29.38 7.06
CA CYS B 16 -8.31 -30.63 6.65
C CYS B 16 -7.31 -31.74 6.33
N ARG B 17 -7.61 -32.93 6.82
CA ARG B 17 -6.75 -34.12 6.62
C ARG B 17 -7.26 -34.98 5.47
N LYS B 18 -6.34 -35.49 4.66
CA LYS B 18 -6.64 -36.35 3.50
C LYS B 18 -7.38 -37.63 3.87
N TYR B 19 -6.98 -38.25 4.98
CA TYR B 19 -7.58 -39.55 5.41
C TYR B 19 -8.98 -39.42 6.02
N ASN B 20 -9.29 -38.26 6.62
CA ASN B 20 -10.62 -37.99 7.20
C ASN B 20 -11.09 -36.55 6.88
N PRO B 21 -11.59 -36.31 5.65
CA PRO B 21 -11.94 -34.95 5.21
C PRO B 21 -13.06 -34.26 5.99
N VAL B 22 -12.64 -33.34 6.85
CA VAL B 22 -13.53 -32.35 7.48
C VAL B 22 -12.80 -31.00 7.46
N CYS B 23 -13.55 -29.92 7.23
CA CYS B 23 -13.00 -28.57 7.27
C CYS B 23 -13.07 -28.04 8.70
N LYS B 24 -12.12 -28.50 9.51
CA LYS B 24 -12.00 -28.06 10.91
C LYS B 24 -11.40 -26.65 10.95
N SER B 25 -11.99 -25.78 11.77
CA SER B 25 -11.53 -24.38 11.88
C SER B 25 -10.12 -24.30 12.44
N CYS B 26 -9.31 -23.39 11.89
CA CYS B 26 -7.99 -23.08 12.45
C CYS B 26 -8.16 -22.61 13.90
N PRO B 27 -7.41 -23.21 14.85
CA PRO B 27 -7.54 -22.79 16.25
C PRO B 27 -6.93 -21.41 16.52
N PRO B 28 -7.15 -20.85 17.73
CA PRO B 28 -6.66 -19.51 18.05
C PRO B 28 -5.16 -19.32 17.85
N SER B 29 -4.78 -18.11 17.44
CA SER B 29 -3.38 -17.74 17.16
C SER B 29 -2.70 -18.63 16.08
N THR B 30 -3.52 -19.11 15.15
CA THR B 30 -3.04 -19.79 13.93
C THR B 30 -3.86 -19.32 12.75
N PHE B 31 -3.40 -19.63 11.54
CA PHE B 31 -4.09 -19.18 10.33
C PHE B 31 -3.80 -20.03 9.10
N SER B 32 -4.71 -19.93 8.13
CA SER B 32 -4.50 -20.47 6.78
C SER B 32 -5.19 -19.56 5.77
N SER B 33 -4.41 -19.02 4.83
CA SER B 33 -4.93 -18.16 3.77
C SER B 33 -5.40 -18.93 2.54
N ILE B 34 -4.75 -20.07 2.28
CA ILE B 34 -5.00 -20.85 1.07
C ILE B 34 -6.31 -21.63 1.17
N GLY B 35 -6.36 -22.63 2.04
CA GLY B 35 -7.56 -23.46 2.15
C GLY B 35 -7.41 -24.70 3.00
N GLY B 36 -7.62 -25.87 2.39
CA GLY B 36 -7.68 -27.16 3.10
C GLY B 36 -6.34 -27.86 3.23
N GLN B 37 -5.38 -27.16 3.82
CA GLN B 37 -4.04 -27.72 4.10
C GLN B 37 -4.11 -28.57 5.37
N PRO B 38 -3.20 -29.54 5.53
CA PRO B 38 -3.21 -30.38 6.74
C PRO B 38 -2.86 -29.66 8.04
N ASN B 39 -2.24 -28.50 7.93
CA ASN B 39 -1.91 -27.66 9.10
C ASN B 39 -2.34 -26.22 8.94
N CYS B 40 -2.44 -25.55 10.09
CA CYS B 40 -2.49 -24.09 10.15
C CYS B 40 -1.11 -23.59 10.52
N ASN B 41 -0.79 -22.39 10.05
CA ASN B 41 0.49 -21.76 10.35
C ASN B 41 0.35 -20.94 11.62
N ILE B 42 1.41 -20.91 12.43
CA ILE B 42 1.41 -20.12 13.67
C ILE B 42 1.45 -18.63 13.35
N CYS B 43 0.60 -17.86 14.03
CA CYS B 43 0.51 -16.41 13.85
C CYS B 43 1.79 -15.73 14.29
N ARG B 44 2.21 -14.75 13.52
CA ARG B 44 3.34 -13.91 13.92
C ARG B 44 2.94 -13.00 15.07
N VAL B 45 3.92 -12.69 15.91
CA VAL B 45 3.76 -11.67 16.95
C VAL B 45 4.75 -10.54 16.66
N CYS B 46 4.32 -9.32 16.93
CA CYS B 46 5.14 -8.11 16.71
C CYS B 46 5.35 -7.38 18.04
N ALA B 47 6.51 -7.57 18.63
CA ALA B 47 6.85 -6.95 19.92
C ALA B 47 8.24 -6.34 19.89
N GLY B 48 8.58 -5.64 20.99
CA GLY B 48 9.89 -5.05 21.18
C GLY B 48 10.16 -3.91 20.21
N TYR B 49 11.09 -4.14 19.28
CA TYR B 49 11.39 -3.20 18.18
C TYR B 49 10.32 -3.21 17.09
N PHE B 50 9.52 -4.29 17.08
CA PHE B 50 8.43 -4.43 16.13
C PHE B 50 7.08 -4.04 16.73
N ARG B 51 6.21 -3.59 15.84
CA ARG B 51 4.81 -3.27 16.15
C ARG B 51 3.92 -3.88 15.11
N PHE B 52 2.64 -4.02 15.44
CA PHE B 52 1.62 -4.56 14.53
C PHE B 52 1.20 -3.53 13.50
N LYS B 53 1.40 -3.88 12.23
CA LYS B 53 0.86 -3.12 11.09
C LYS B 53 -0.53 -3.67 10.74
N LYS B 54 -0.61 -4.99 10.74
CA LYS B 54 -1.87 -5.75 10.65
C LYS B 54 -1.88 -6.80 11.73
N PHE B 55 -3.06 -7.13 12.23
CA PHE B 55 -3.20 -8.18 13.23
C PHE B 55 -3.52 -9.52 12.59
N CYS B 56 -3.33 -10.58 13.35
CA CYS B 56 -3.62 -11.94 12.88
C CYS B 56 -5.11 -12.20 12.95
N SER B 57 -5.57 -13.00 11.99
CA SER B 57 -6.91 -13.62 12.03
C SER B 57 -6.79 -15.07 11.53
N SER B 58 -7.90 -15.78 11.44
CA SER B 58 -7.91 -17.18 10.93
C SER B 58 -7.51 -17.29 9.46
N THR B 59 -7.67 -16.20 8.73
CA THR B 59 -7.47 -16.17 7.28
C THR B 59 -6.19 -15.49 6.80
N HIS B 60 -5.69 -14.51 7.54
CA HIS B 60 -4.44 -13.83 7.19
C HIS B 60 -3.51 -13.76 8.37
N ASN B 61 -2.21 -13.66 8.07
CA ASN B 61 -1.18 -13.53 9.11
C ASN B 61 -1.12 -12.10 9.56
N ALA B 62 -0.60 -11.90 10.76
CA ALA B 62 -0.20 -10.57 11.21
C ALA B 62 0.99 -10.07 10.39
N GLU B 63 1.07 -8.76 10.24
CA GLU B 63 2.18 -8.10 9.53
C GLU B 63 2.81 -7.07 10.45
N CYS B 64 4.14 -6.99 10.48
CA CYS B 64 4.84 -6.08 11.39
C CYS B 64 5.40 -4.80 10.73
N GLU B 65 5.50 -3.81 11.60
CA GLU B 65 6.14 -2.52 11.36
C GLU B 65 7.31 -2.44 12.33
N CYS B 66 8.23 -1.50 12.07
CA CYS B 66 9.25 -1.13 13.06
C CYS B 66 8.77 0.08 13.84
N ILE B 67 9.28 0.21 15.06
CA ILE B 67 9.01 1.38 15.90
C ILE B 67 9.65 2.66 15.34
N GLU B 68 9.29 3.81 15.91
CA GLU B 68 9.89 5.10 15.54
C GLU B 68 11.41 5.09 15.76
N GLY B 69 12.14 5.66 14.81
CA GLY B 69 13.60 5.68 14.83
C GLY B 69 14.24 4.46 14.18
N PHE B 70 13.41 3.58 13.64
CA PHE B 70 13.86 2.34 12.99
C PHE B 70 13.06 2.10 11.72
N HIS B 71 13.56 1.18 10.91
CA HIS B 71 12.93 0.83 9.64
C HIS B 71 13.11 -0.63 9.28
N CYS B 72 12.14 -1.15 8.54
CA CYS B 72 12.11 -2.55 8.16
C CYS B 72 13.24 -2.82 7.19
N LEU B 73 13.88 -3.95 7.43
CA LEU B 73 14.97 -4.44 6.62
C LEU B 73 14.52 -5.80 6.09
N GLY B 74 14.63 -6.01 4.77
CA GLY B 74 14.42 -7.34 4.18
C GLY B 74 13.08 -7.55 3.50
N PRO B 75 12.73 -8.83 3.23
CA PRO B 75 11.55 -9.14 2.41
C PRO B 75 10.23 -8.84 3.10
N GLN B 76 10.02 -9.47 4.26
CA GLN B 76 8.78 -9.35 5.03
C GLN B 76 9.03 -8.72 6.40
N CYS B 77 9.83 -7.65 6.43
CA CYS B 77 10.23 -6.95 7.65
C CYS B 77 10.74 -7.93 8.72
N THR B 78 11.75 -8.71 8.32
CA THR B 78 12.32 -9.76 9.16
C THR B 78 13.19 -9.17 10.28
N ARG B 79 13.84 -8.05 10.00
CA ARG B 79 14.61 -7.31 11.01
C ARG B 79 14.33 -5.80 10.94
N CYS B 80 14.61 -5.11 12.05
CA CYS B 80 14.61 -3.65 12.12
C CYS B 80 16.04 -3.12 12.17
N GLU B 81 16.26 -2.01 11.46
CA GLU B 81 17.53 -1.30 11.48
C GLU B 81 17.31 0.13 11.94
N LYS B 82 18.26 0.66 12.71
CA LYS B 82 18.18 2.04 13.16
C LYS B 82 18.31 2.98 11.98
N ASP B 83 17.55 4.07 12.01
CA ASP B 83 17.53 5.05 10.91
C ASP B 83 18.92 5.65 10.74
N CYS B 84 19.25 5.96 9.49
CA CYS B 84 20.62 6.29 9.13
C CYS B 84 21.12 7.58 9.79
N ARG B 85 22.40 7.57 10.17
CA ARG B 85 23.09 8.77 10.66
C ARG B 85 23.48 9.65 9.47
N PRO B 86 23.95 10.88 9.74
CA PRO B 86 24.56 11.66 8.65
C PRO B 86 25.85 11.02 8.19
N GLY B 87 26.10 11.09 6.88
CA GLY B 87 27.21 10.36 6.24
C GLY B 87 26.80 9.00 5.70
N GLN B 88 25.61 8.55 6.09
CA GLN B 88 25.00 7.33 5.56
C GLN B 88 23.84 7.68 4.63
N GLU B 89 23.41 6.67 3.89
CA GLU B 89 22.27 6.74 2.99
C GLU B 89 21.45 5.46 3.15
N LEU B 90 20.13 5.59 3.08
CA LEU B 90 19.24 4.41 3.13
C LEU B 90 19.14 3.77 1.76
N THR B 91 19.67 2.56 1.65
CA THR B 91 19.52 1.70 0.47
C THR B 91 18.77 0.40 0.81
N LYS B 92 18.46 -0.37 -0.23
CA LYS B 92 17.74 -1.65 -0.08
C LYS B 92 18.44 -2.68 0.80
N GLN B 93 19.76 -2.70 0.74
CA GLN B 93 20.60 -3.56 1.56
C GLN B 93 21.27 -2.75 2.66
N GLY B 94 20.78 -1.52 2.91
CA GLY B 94 21.54 -0.48 3.69
C GLY B 94 20.73 -0.23 4.92
N CYS B 95 21.01 0.77 5.77
CA CYS B 95 21.98 1.92 5.74
C CYS B 95 23.39 1.59 5.26
N LYS B 96 23.94 2.46 4.42
CA LYS B 96 25.32 2.33 3.95
C LYS B 96 26.01 3.71 3.82
N THR B 97 27.30 3.74 4.16
CA THR B 97 28.11 4.98 4.15
C THR B 97 28.26 5.55 2.74
N CYS B 98 28.30 6.87 2.66
CA CYS B 98 28.43 7.59 1.38
C CYS B 98 29.79 7.32 0.75
N SER B 99 29.78 6.98 -0.55
CA SER B 99 31.02 6.71 -1.29
C SER B 99 31.85 7.98 -1.48
N LEU B 100 33.15 7.81 -1.72
CA LEU B 100 34.11 8.93 -1.75
C LEU B 100 33.70 9.99 -2.77
N GLY B 101 33.77 11.26 -2.35
CA GLY B 101 33.39 12.41 -3.19
C GLY B 101 31.97 12.92 -2.97
N THR B 102 31.20 12.16 -2.19
CA THR B 102 29.77 12.43 -1.96
C THR B 102 29.53 12.67 -0.47
N PHE B 103 28.36 13.22 -0.17
CA PHE B 103 27.98 13.47 1.23
C PHE B 103 26.49 13.50 1.48
N ASN B 104 26.15 13.42 2.77
CA ASN B 104 24.79 13.66 3.26
C ASN B 104 24.83 14.18 4.70
N ASP B 105 24.46 15.45 4.85
CA ASP B 105 24.45 16.13 6.17
C ASP B 105 23.18 15.89 7.00
N GLN B 106 22.19 15.23 6.41
CA GLN B 106 20.88 15.04 7.05
C GLN B 106 20.82 13.80 7.96
N ASN B 107 20.12 13.96 9.09
CA ASN B 107 19.97 12.92 10.11
C ASN B 107 18.67 12.15 9.91
N GLY B 108 18.76 10.83 9.81
CA GLY B 108 17.59 9.96 9.66
C GLY B 108 16.83 10.10 8.34
N THR B 109 17.47 10.71 7.34
CA THR B 109 16.85 10.96 6.03
C THR B 109 17.90 11.34 4.97
N GLY B 110 17.42 11.57 3.74
CA GLY B 110 18.24 12.12 2.66
C GLY B 110 19.01 11.12 1.83
N VAL B 111 19.68 11.64 0.80
CA VAL B 111 20.44 10.83 -0.18
C VAL B 111 21.85 11.43 -0.37
N CYS B 112 22.84 10.56 -0.56
CA CYS B 112 24.23 11.00 -0.79
C CYS B 112 24.33 11.76 -2.13
N ARG B 113 24.72 13.03 -2.05
CA ARG B 113 24.90 13.91 -3.23
C ARG B 113 26.38 14.32 -3.39
N PRO B 114 26.84 14.57 -4.63
CA PRO B 114 28.28 14.87 -4.82
C PRO B 114 28.68 16.24 -4.29
N TRP B 115 29.93 16.35 -3.86
CA TRP B 115 30.49 17.60 -3.34
C TRP B 115 30.45 18.74 -4.35
N THR B 116 30.27 19.95 -3.86
CA THR B 116 30.44 21.15 -4.68
C THR B 116 31.84 21.22 -5.28
N ASN B 117 31.92 21.63 -6.55
CA ASN B 117 33.19 21.80 -7.29
C ASN B 117 33.50 23.29 -7.39
N CYS B 118 34.40 23.77 -6.54
CA CYS B 118 34.71 25.21 -6.46
C CYS B 118 35.38 25.81 -7.70
N SER B 119 36.22 25.02 -8.37
CA SER B 119 36.95 25.56 -9.53
C SER B 119 35.97 26.02 -10.62
N LEU B 120 34.84 25.33 -10.71
CA LEU B 120 33.80 25.63 -11.71
C LEU B 120 33.12 27.05 -11.73
N ASP B 121 32.79 27.57 -10.56
CA ASP B 121 32.40 29.01 -10.44
C ASP B 121 33.62 29.90 -10.40
N GLY B 122 34.79 29.27 -10.49
CA GLY B 122 36.06 29.95 -10.44
C GLY B 122 36.39 30.38 -9.04
N ARG B 123 36.08 29.53 -8.06
CA ARG B 123 36.26 29.86 -6.64
C ARG B 123 37.28 28.93 -6.03
N SER B 124 37.79 29.35 -4.89
CA SER B 124 38.79 28.60 -4.12
C SER B 124 38.14 27.71 -3.06
N VAL B 125 38.89 26.73 -2.56
CA VAL B 125 38.41 25.82 -1.52
C VAL B 125 38.82 26.33 -0.14
N LEU B 126 37.82 26.65 0.67
CA LEU B 126 38.03 27.07 2.07
C LEU B 126 38.11 25.88 3.02
N LYS B 127 37.17 24.95 2.86
CA LYS B 127 37.15 23.70 3.63
C LYS B 127 36.89 22.47 2.78
N THR B 128 37.51 21.36 3.19
CA THR B 128 37.43 20.09 2.49
C THR B 128 36.13 19.37 2.83
N GLY B 129 35.70 18.52 1.90
CA GLY B 129 34.51 17.71 2.07
C GLY B 129 34.70 16.48 2.95
N THR B 130 33.58 16.03 3.49
CA THR B 130 33.49 14.88 4.38
C THR B 130 32.30 14.07 3.88
N THR B 131 32.13 12.86 4.40
CA THR B 131 30.91 12.07 4.18
C THR B 131 29.64 12.77 4.73
N GLU B 132 29.82 13.63 5.73
CA GLU B 132 28.72 14.38 6.39
C GLU B 132 28.68 15.87 6.08
N LYS B 133 29.68 16.37 5.36
CA LYS B 133 29.88 17.82 5.16
C LYS B 133 30.27 18.13 3.72
N ASP B 134 29.58 19.10 3.13
CA ASP B 134 29.95 19.60 1.82
C ASP B 134 31.25 20.40 1.92
N VAL B 135 31.95 20.45 0.79
CA VAL B 135 33.06 21.34 0.59
C VAL B 135 32.54 22.75 0.78
N VAL B 136 33.32 23.59 1.45
CA VAL B 136 33.02 25.01 1.56
C VAL B 136 33.92 25.72 0.55
N CYS B 137 33.30 26.52 -0.32
CA CYS B 137 34.02 27.31 -1.31
C CYS B 137 34.30 28.74 -0.81
N GLY B 138 35.21 29.41 -1.49
CA GLY B 138 35.69 30.75 -1.11
C GLY B 138 35.00 31.90 -1.87
N PRO B 139 35.33 33.17 -1.56
CA PRO B 139 34.51 34.29 -2.06
C PRO B 139 34.46 34.42 -3.60
N SER C 6 4.60 23.01 -25.07
CA SER C 6 5.64 22.44 -24.16
C SER C 6 5.12 21.48 -23.10
N CYS C 7 3.99 21.76 -22.45
CA CYS C 7 3.44 20.93 -21.35
C CYS C 7 3.03 19.49 -21.74
N ASP C 8 2.84 19.25 -23.04
CA ASP C 8 2.50 17.90 -23.56
C ASP C 8 3.67 16.91 -23.65
N ASN C 9 4.91 17.37 -23.43
CA ASN C 9 6.09 16.48 -23.39
C ASN C 9 6.29 15.78 -22.04
N CYS C 10 5.44 16.09 -21.06
CA CYS C 10 5.53 15.46 -19.75
C CYS C 10 5.17 13.98 -19.81
N GLN C 11 5.81 13.21 -18.95
CA GLN C 11 5.59 11.76 -18.85
C GLN C 11 4.46 11.47 -17.87
N PRO C 12 4.02 10.19 -17.79
CA PRO C 12 3.08 9.86 -16.73
C PRO C 12 3.73 10.04 -15.35
N GLY C 13 2.90 9.95 -14.32
CA GLY C 13 3.35 10.16 -12.94
C GLY C 13 3.61 11.60 -12.54
N THR C 14 3.09 12.53 -13.34
CA THR C 14 3.32 13.97 -13.15
C THR C 14 2.10 14.82 -13.44
N PHE C 15 2.16 16.06 -12.97
CA PHE C 15 1.22 17.11 -13.36
C PHE C 15 1.99 18.34 -13.85
N CYS C 16 1.34 19.13 -14.69
CA CYS C 16 1.97 20.28 -15.34
C CYS C 16 0.94 21.35 -15.71
N ARG C 17 1.30 22.61 -15.43
CA ARG C 17 0.42 23.76 -15.70
C ARG C 17 0.81 24.45 -17.01
N LYS C 18 -0.20 24.84 -17.78
CA LYS C 18 -0.02 25.53 -19.09
C LYS C 18 0.76 26.85 -18.97
N TYR C 19 0.50 27.60 -17.90
CA TYR C 19 1.15 28.93 -17.69
C TYR C 19 2.62 28.86 -17.27
N ASN C 20 2.99 27.80 -16.55
CA ASN C 20 4.37 27.60 -16.08
C ASN C 20 4.78 26.13 -16.24
N PRO C 21 5.15 25.72 -17.49
CA PRO C 21 5.43 24.32 -17.77
C PRO C 21 6.64 23.72 -17.03
N VAL C 22 6.32 22.92 -16.02
CA VAL C 22 7.26 22.02 -15.37
C VAL C 22 6.54 20.69 -15.12
N CYS C 23 7.26 19.58 -15.27
CA CYS C 23 6.70 18.25 -14.98
C CYS C 23 6.93 17.94 -13.51
N LYS C 24 6.09 18.53 -12.67
CA LYS C 24 6.14 18.31 -11.22
C LYS C 24 5.53 16.93 -10.90
N SER C 25 6.22 16.16 -10.05
CA SER C 25 5.77 14.81 -9.67
C SER C 25 4.43 14.84 -8.96
N CYS C 26 3.58 13.88 -9.27
CA CYS C 26 2.32 13.67 -8.52
C CYS C 26 2.64 13.41 -7.05
N PRO C 27 1.99 14.15 -6.12
CA PRO C 27 2.29 13.97 -4.70
C PRO C 27 1.74 12.65 -4.15
N PRO C 28 2.11 12.29 -2.90
CA PRO C 28 1.67 11.01 -2.33
C PRO C 28 0.16 10.78 -2.35
N SER C 29 -0.22 9.52 -2.53
CA SER C 29 -1.63 9.10 -2.60
C SER C 29 -2.43 9.81 -3.71
N THR C 30 -1.74 10.15 -4.80
CA THR C 30 -2.36 10.63 -6.04
C THR C 30 -1.65 9.99 -7.23
N PHE C 31 -2.24 10.12 -8.41
CA PHE C 31 -1.68 9.49 -9.62
C PHE C 31 -2.14 10.15 -10.91
N SER C 32 -1.33 9.92 -11.95
CA SER C 32 -1.71 10.24 -13.33
C SER C 32 -1.13 9.19 -14.28
N SER C 33 -2.00 8.52 -15.03
CA SER C 33 -1.57 7.52 -16.01
C SER C 33 -1.28 8.12 -17.38
N ILE C 34 -1.99 9.19 -17.72
CA ILE C 34 -1.93 9.81 -19.05
C ILE C 34 -0.63 10.60 -19.23
N GLY C 35 -0.49 11.72 -18.52
CA GLY C 35 0.70 12.55 -18.68
C GLY C 35 0.64 13.91 -17.99
N GLY C 36 0.78 14.97 -18.79
CA GLY C 36 0.93 16.35 -18.28
C GLY C 36 -0.38 17.08 -18.10
N GLN C 37 -1.27 16.49 -17.31
CA GLN C 37 -2.56 17.10 -16.97
C GLN C 37 -2.34 18.13 -15.85
N PRO C 38 -3.23 19.13 -15.72
CA PRO C 38 -3.08 20.12 -14.63
C PRO C 38 -3.28 19.58 -13.21
N ASN C 39 -3.91 18.42 -13.09
CA ASN C 39 -4.10 17.75 -11.79
C ASN C 39 -3.70 16.28 -11.79
N CYS C 40 -3.49 15.75 -10.59
CA CYS C 40 -3.42 14.30 -10.34
C CYS C 40 -4.76 13.85 -9.76
N ASN C 41 -5.09 12.59 -10.01
CA ASN C 41 -6.31 11.97 -9.46
C ASN C 41 -6.01 11.36 -8.10
N ILE C 42 -6.97 11.44 -7.18
CA ILE C 42 -6.81 10.85 -5.84
C ILE C 42 -6.87 9.32 -5.93
N CYS C 43 -5.93 8.68 -5.23
CA CYS C 43 -5.81 7.22 -5.22
C CYS C 43 -7.01 6.60 -4.54
N ARG C 44 -7.47 5.49 -5.11
CA ARG C 44 -8.51 4.68 -4.49
C ARG C 44 -7.97 4.00 -3.23
N VAL C 45 -8.87 3.81 -2.28
CA VAL C 45 -8.60 2.99 -1.09
C VAL C 45 -9.56 1.80 -1.12
N CYS C 46 -9.05 0.65 -0.68
CA CYS C 46 -9.83 -0.59 -0.66
C CYS C 46 -9.97 -1.08 0.78
N ALA C 47 -11.15 -0.81 1.36
CA ALA C 47 -11.49 -1.19 2.73
C ALA C 47 -12.90 -1.79 2.82
N GLY C 48 -13.24 -2.30 4.00
CA GLY C 48 -14.57 -2.84 4.28
C GLY C 48 -14.88 -4.13 3.53
N TYR C 49 -15.81 -4.05 2.57
CA TYR C 49 -16.10 -5.16 1.63
C TYR C 49 -15.03 -5.32 0.56
N PHE C 50 -14.23 -4.27 0.38
CA PHE C 50 -13.11 -4.29 -0.57
C PHE C 50 -11.76 -4.59 0.08
N ARG C 51 -10.89 -5.18 -0.73
CA ARG C 51 -9.47 -5.43 -0.39
C ARG C 51 -8.58 -4.99 -1.56
N PHE C 52 -7.29 -4.77 -1.31
CA PHE C 52 -6.33 -4.36 -2.38
C PHE C 52 -5.91 -5.54 -3.23
N LYS C 53 -6.16 -5.42 -4.54
CA LYS C 53 -5.63 -6.36 -5.56
C LYS C 53 -4.30 -5.81 -6.10
N LYS C 54 -4.30 -4.52 -6.38
CA LYS C 54 -3.11 -3.74 -6.75
C LYS C 54 -3.08 -2.51 -5.86
N PHE C 55 -1.89 -2.05 -5.55
CA PHE C 55 -1.74 -0.82 -4.76
C PHE C 55 -1.57 0.37 -5.69
N CYS C 56 -1.76 1.55 -5.12
CA CYS C 56 -1.60 2.79 -5.86
C CYS C 56 -0.12 3.11 -6.04
N SER C 57 0.19 3.71 -7.17
CA SER C 57 1.49 4.35 -7.40
C SER C 57 1.27 5.67 -8.12
N SER C 58 2.35 6.37 -8.46
CA SER C 58 2.25 7.66 -9.16
C SER C 58 1.65 7.52 -10.57
N THR C 59 1.78 6.34 -11.14
CA THR C 59 1.41 6.08 -12.55
C THR C 59 0.10 5.33 -12.76
N HIS C 60 -0.24 4.46 -11.81
CA HIS C 60 -1.50 3.69 -11.89
C HIS C 60 -2.28 3.80 -10.61
N ASN C 61 -3.58 3.63 -10.73
CA ASN C 61 -4.47 3.64 -9.58
C ASN C 61 -4.42 2.29 -8.88
N ALA C 62 -4.79 2.29 -7.62
CA ALA C 62 -5.05 1.04 -6.89
C ALA C 62 -6.25 0.34 -7.51
N GLU C 63 -6.24 -0.98 -7.43
CA GLU C 63 -7.33 -1.80 -7.92
C GLU C 63 -7.82 -2.66 -6.78
N CYS C 64 -9.13 -2.74 -6.66
CA CYS C 64 -9.70 -3.49 -5.57
C CYS C 64 -10.20 -4.88 -5.95
N GLU C 65 -10.22 -5.72 -4.93
CA GLU C 65 -10.84 -7.04 -4.93
C GLU C 65 -11.99 -6.94 -3.97
N CYS C 66 -12.89 -7.90 -4.06
CA CYS C 66 -13.92 -8.08 -3.03
C CYS C 66 -13.47 -9.16 -2.06
N ILE C 67 -13.99 -9.08 -0.85
CA ILE C 67 -13.73 -10.10 0.18
C ILE C 67 -14.39 -11.44 -0.16
N GLU C 68 -14.06 -12.47 0.63
CA GLU C 68 -14.69 -13.80 0.48
C GLU C 68 -16.21 -13.72 0.63
N GLY C 69 -16.92 -14.45 -0.23
CA GLY C 69 -18.39 -14.44 -0.27
C GLY C 69 -18.99 -13.36 -1.15
N PHE C 70 -18.12 -12.59 -1.80
CA PHE C 70 -18.50 -11.47 -2.66
C PHE C 70 -17.64 -11.45 -3.91
N HIS C 71 -18.08 -10.67 -4.89
CA HIS C 71 -17.37 -10.53 -6.16
C HIS C 71 -17.55 -9.15 -6.77
N CYS C 72 -16.56 -8.74 -7.57
CA CYS C 72 -16.58 -7.41 -8.18
C CYS C 72 -17.69 -7.32 -9.20
N LEU C 73 -18.36 -6.18 -9.18
CA LEU C 73 -19.38 -5.85 -10.15
C LEU C 73 -18.98 -4.54 -10.82
N GLY C 74 -19.09 -4.51 -12.13
CA GLY C 74 -18.91 -3.27 -12.90
C GLY C 74 -17.56 -3.14 -13.59
N PRO C 75 -17.22 -1.92 -14.05
CA PRO C 75 -16.03 -1.72 -14.88
C PRO C 75 -14.72 -1.89 -14.12
N GLN C 76 -14.53 -1.11 -13.06
CA GLN C 76 -13.30 -1.11 -12.26
C GLN C 76 -13.58 -1.51 -10.81
N CYS C 77 -14.37 -2.58 -10.65
CA CYS C 77 -14.78 -3.09 -9.32
C CYS C 77 -15.34 -1.96 -8.43
N THR C 78 -16.32 -1.27 -8.97
CA THR C 78 -16.92 -0.11 -8.29
C THR C 78 -17.82 -0.53 -7.12
N ARG C 79 -18.43 -1.70 -7.25
CA ARG C 79 -19.24 -2.30 -6.16
C ARG C 79 -18.92 -3.79 -6.00
N CYS C 80 -19.24 -4.30 -4.81
CA CYS C 80 -19.23 -5.74 -4.52
C CYS C 80 -20.65 -6.26 -4.47
N GLU C 81 -20.82 -7.46 -5.00
CA GLU C 81 -22.09 -8.16 -4.96
C GLU C 81 -21.90 -9.49 -4.27
N LYS C 82 -22.90 -9.90 -3.49
CA LYS C 82 -22.86 -11.18 -2.80
C LYS C 82 -22.95 -12.30 -3.82
N ASP C 83 -22.19 -13.37 -3.55
CA ASP C 83 -22.10 -14.50 -4.47
C ASP C 83 -23.49 -15.13 -4.67
N CYS C 84 -23.70 -15.66 -5.86
CA CYS C 84 -25.02 -16.05 -6.38
C CYS C 84 -25.70 -17.21 -5.62
N ARG C 85 -27.03 -17.17 -5.57
CA ARG C 85 -27.86 -18.27 -5.05
C ARG C 85 -27.98 -19.37 -6.11
N PRO C 86 -28.52 -20.56 -5.74
CA PRO C 86 -28.85 -21.53 -6.78
C PRO C 86 -29.98 -21.04 -7.67
N GLY C 87 -29.90 -21.35 -8.95
CA GLY C 87 -30.81 -20.80 -9.96
C GLY C 87 -30.26 -19.56 -10.63
N GLN C 88 -29.20 -19.00 -10.05
CA GLN C 88 -28.48 -17.86 -10.62
C GLN C 88 -27.14 -18.32 -11.16
N GLU C 89 -26.53 -17.44 -11.94
CA GLU C 89 -25.19 -17.62 -12.52
C GLU C 89 -24.44 -16.29 -12.42
N LEU C 90 -23.13 -16.36 -12.17
CA LEU C 90 -22.31 -15.13 -12.15
C LEU C 90 -21.91 -14.75 -13.57
N THR C 91 -22.43 -13.62 -14.04
CA THR C 91 -22.04 -13.00 -15.32
C THR C 91 -21.39 -11.63 -15.11
N LYS C 92 -20.87 -11.06 -16.20
CA LYS C 92 -20.22 -9.73 -16.20
C LYS C 92 -21.14 -8.58 -15.67
N GLN C 93 -22.44 -8.71 -15.93
CA GLN C 93 -23.47 -7.79 -15.38
C GLN C 93 -23.81 -7.96 -13.87
N GLY C 94 -23.34 -9.06 -13.30
CA GLY C 94 -23.58 -9.47 -11.91
C GLY C 94 -24.37 -10.76 -11.91
N CYS C 95 -24.77 -11.25 -10.74
CA CYS C 95 -25.65 -12.41 -10.68
C CYS C 95 -26.92 -12.23 -11.52
N LYS C 96 -27.23 -13.24 -12.31
CA LYS C 96 -28.44 -13.26 -13.13
C LYS C 96 -29.07 -14.65 -13.15
N THR C 97 -30.40 -14.67 -13.12
CA THR C 97 -31.18 -15.91 -13.11
C THR C 97 -30.97 -16.72 -14.39
N CYS C 98 -30.96 -18.04 -14.25
CA CYS C 98 -30.75 -18.96 -15.38
C CYS C 98 -31.91 -18.86 -16.37
N SER C 99 -31.57 -18.72 -17.65
CA SER C 99 -32.59 -18.61 -18.71
C SER C 99 -33.34 -19.94 -18.88
N LEU C 100 -34.55 -19.86 -19.45
CA LEU C 100 -35.45 -21.02 -19.53
C LEU C 100 -34.80 -22.21 -20.25
N GLY C 101 -34.98 -23.39 -19.66
CA GLY C 101 -34.39 -24.64 -20.16
C GLY C 101 -33.07 -25.05 -19.50
N THR C 102 -32.54 -24.16 -18.67
CA THR C 102 -31.22 -24.29 -18.08
C THR C 102 -31.34 -24.26 -16.56
N PHE C 103 -30.31 -24.72 -15.86
CA PHE C 103 -30.31 -24.74 -14.39
C PHE C 103 -28.93 -24.68 -13.75
N ASN C 104 -28.93 -24.37 -12.46
CA ASN C 104 -27.75 -24.47 -11.61
C ASN C 104 -28.17 -24.74 -10.16
N ASP C 105 -27.85 -25.94 -9.69
CA ASP C 105 -28.19 -26.38 -8.32
C ASP C 105 -27.17 -25.94 -7.24
N GLN C 106 -26.04 -25.38 -7.69
CA GLN C 106 -24.93 -25.03 -6.79
C GLN C 106 -25.07 -23.66 -6.14
N ASN C 107 -24.68 -23.59 -4.87
CA ASN C 107 -24.77 -22.37 -4.06
C ASN C 107 -23.43 -21.61 -4.08
N GLY C 108 -23.48 -20.34 -4.44
CA GLY C 108 -22.29 -19.48 -4.45
C GLY C 108 -21.23 -19.83 -5.48
N THR C 109 -21.62 -20.63 -6.46
CA THR C 109 -20.70 -21.09 -7.51
C THR C 109 -21.46 -21.68 -8.70
N GLY C 110 -20.70 -22.10 -9.71
CA GLY C 110 -21.25 -22.84 -10.85
C GLY C 110 -21.79 -22.01 -11.99
N VAL C 111 -22.20 -22.74 -13.02
CA VAL C 111 -22.65 -22.15 -14.29
C VAL C 111 -23.97 -22.80 -14.71
N CYS C 112 -24.87 -22.01 -15.30
CA CYS C 112 -26.15 -22.54 -15.80
C CYS C 112 -25.90 -23.52 -16.96
N ARG C 113 -26.30 -24.78 -16.75
CA ARG C 113 -26.18 -25.84 -17.77
C ARG C 113 -27.56 -26.29 -18.22
N PRO C 114 -27.69 -26.74 -19.48
CA PRO C 114 -29.01 -27.12 -19.97
C PRO C 114 -29.54 -28.40 -19.32
N TRP C 115 -30.86 -28.49 -19.21
CA TRP C 115 -31.52 -29.66 -18.63
C TRP C 115 -31.20 -30.94 -19.39
N THR C 116 -31.14 -32.04 -18.66
CA THR C 116 -31.06 -33.37 -19.26
C THR C 116 -32.23 -33.58 -20.23
N ASN C 117 -31.91 -34.18 -21.36
CA ASN C 117 -32.88 -34.49 -22.41
C ASN C 117 -33.17 -35.99 -22.36
N CYS C 118 -34.30 -36.34 -21.74
CA CYS C 118 -34.66 -37.76 -21.55
C CYS C 118 -34.92 -38.53 -22.86
N SER C 119 -35.41 -37.85 -23.90
CA SER C 119 -35.62 -38.48 -25.23
C SER C 119 -34.30 -38.92 -25.86
N LEU C 120 -33.29 -38.07 -25.73
CA LEU C 120 -31.93 -38.36 -26.22
C LEU C 120 -31.31 -39.59 -25.59
N ASP C 121 -31.63 -39.84 -24.33
CA ASP C 121 -31.18 -41.03 -23.60
C ASP C 121 -32.12 -42.24 -23.81
N GLY C 122 -33.21 -42.02 -24.54
CA GLY C 122 -34.24 -43.03 -24.75
C GLY C 122 -35.06 -43.32 -23.49
N ARG C 123 -35.42 -42.27 -22.76
CA ARG C 123 -36.14 -42.38 -21.48
C ARG C 123 -37.33 -41.42 -21.35
N SER C 124 -38.15 -41.70 -20.34
CA SER C 124 -39.32 -40.87 -20.00
C SER C 124 -38.99 -39.82 -18.94
N VAL C 125 -39.84 -38.80 -18.83
CA VAL C 125 -39.66 -37.73 -17.82
C VAL C 125 -40.45 -38.04 -16.57
N LEU C 126 -39.73 -38.20 -15.46
CA LEU C 126 -40.35 -38.40 -14.14
C LEU C 126 -40.68 -37.08 -13.44
N LYS C 127 -39.72 -36.16 -13.46
CA LYS C 127 -39.91 -34.80 -12.91
C LYS C 127 -39.40 -33.72 -13.83
N THR C 128 -40.09 -32.59 -13.79
CA THR C 128 -39.80 -31.42 -14.62
C THR C 128 -38.63 -30.63 -14.05
N GLY C 129 -37.95 -29.92 -14.93
CA GLY C 129 -36.85 -29.04 -14.56
C GLY C 129 -37.25 -27.69 -13.97
N THR C 130 -36.31 -27.11 -13.24
CA THR C 130 -36.44 -25.81 -12.55
C THR C 130 -35.16 -25.06 -12.86
N THR C 131 -35.14 -23.77 -12.53
CA THR C 131 -33.90 -22.97 -12.55
C THR C 131 -32.80 -23.51 -11.59
N GLU C 132 -33.23 -24.19 -10.54
CA GLU C 132 -32.36 -24.78 -9.50
C GLU C 132 -32.26 -26.31 -9.52
N LYS C 133 -33.04 -26.97 -10.37
CA LYS C 133 -33.19 -28.44 -10.37
C LYS C 133 -33.20 -29.01 -11.78
N ASP C 134 -32.40 -30.04 -11.99
CA ASP C 134 -32.40 -30.77 -13.26
C ASP C 134 -33.68 -31.59 -13.39
N VAL C 135 -34.04 -31.85 -14.63
CA VAL C 135 -35.09 -32.81 -14.99
C VAL C 135 -34.64 -34.16 -14.44
N VAL C 136 -35.60 -34.91 -13.90
CA VAL C 136 -35.37 -36.30 -13.50
C VAL C 136 -35.95 -37.18 -14.59
N CYS C 137 -35.12 -38.09 -15.11
CA CYS C 137 -35.54 -39.04 -16.14
C CYS C 137 -36.00 -40.37 -15.52
N GLY C 138 -36.69 -41.15 -16.33
CA GLY C 138 -37.30 -42.43 -15.91
C GLY C 138 -36.52 -43.68 -16.31
N PRO C 139 -37.08 -44.87 -16.02
CA PRO C 139 -36.34 -46.13 -16.14
C PRO C 139 -36.10 -46.55 -17.59
N SER D 6 -8.29 -20.11 26.28
CA SER D 6 -8.36 -20.55 24.83
C SER D 6 -8.80 -19.45 23.87
N CYS D 7 -10.08 -19.06 23.91
CA CYS D 7 -10.62 -17.91 23.13
C CYS D 7 -9.94 -16.56 23.47
N ASP D 8 -9.27 -16.49 24.61
CA ASP D 8 -8.51 -15.29 25.03
C ASP D 8 -7.18 -15.04 24.31
N ASN D 9 -6.70 -16.01 23.52
CA ASN D 9 -5.47 -15.85 22.71
C ASN D 9 -5.70 -15.12 21.38
N CYS D 10 -6.95 -14.77 21.09
CA CYS D 10 -7.27 -14.04 19.86
C CYS D 10 -6.71 -12.62 19.90
N GLN D 11 -6.34 -12.13 18.72
CA GLN D 11 -5.80 -10.78 18.56
C GLN D 11 -6.94 -9.77 18.33
N PRO D 12 -6.61 -8.46 18.32
CA PRO D 12 -7.65 -7.51 17.92
C PRO D 12 -8.06 -7.73 16.46
N GLY D 13 -9.12 -7.04 16.06
CA GLY D 13 -9.69 -7.20 14.72
C GLY D 13 -10.46 -8.48 14.46
N THR D 14 -10.86 -9.15 15.54
CA THR D 14 -11.55 -10.43 15.46
C THR D 14 -12.65 -10.58 16.51
N PHE D 15 -13.51 -11.57 16.26
CA PHE D 15 -14.45 -12.07 17.27
C PHE D 15 -14.31 -13.59 17.41
N CYS D 16 -14.69 -14.09 18.58
CA CYS D 16 -14.50 -15.50 18.93
C CYS D 16 -15.54 -15.96 19.94
N ARG D 17 -16.10 -17.15 19.70
CA ARG D 17 -17.14 -17.74 20.56
C ARG D 17 -16.53 -18.78 21.51
N LYS D 18 -16.99 -18.75 22.76
CA LYS D 18 -16.53 -19.69 23.81
C LYS D 18 -16.74 -21.16 23.46
N TYR D 19 -17.88 -21.47 22.85
CA TYR D 19 -18.25 -22.86 22.50
C TYR D 19 -17.46 -23.46 21.34
N ASN D 20 -17.06 -22.60 20.39
CA ASN D 20 -16.28 -23.04 19.23
C ASN D 20 -15.16 -22.02 18.92
N PRO D 21 -14.03 -22.10 19.68
CA PRO D 21 -12.96 -21.10 19.57
C PRO D 21 -12.26 -21.06 18.20
N VAL D 22 -12.61 -20.04 17.44
CA VAL D 22 -11.87 -19.61 16.25
C VAL D 22 -11.81 -18.09 16.27
N CYS D 23 -10.67 -17.54 15.84
CA CYS D 23 -10.51 -16.08 15.72
C CYS D 23 -10.99 -15.64 14.33
N LYS D 24 -12.31 -15.56 14.20
CA LYS D 24 -12.95 -15.13 12.95
C LYS D 24 -12.81 -13.60 12.82
N SER D 25 -12.44 -13.14 11.63
CA SER D 25 -12.25 -11.70 11.37
C SER D 25 -13.56 -10.93 11.54
N CYS D 26 -13.46 -9.74 12.13
CA CYS D 26 -14.60 -8.81 12.20
C CYS D 26 -15.07 -8.49 10.78
N PRO D 27 -16.39 -8.61 10.51
CA PRO D 27 -16.91 -8.37 9.16
C PRO D 27 -16.92 -6.89 8.81
N PRO D 28 -17.21 -6.54 7.53
CA PRO D 28 -17.14 -5.16 7.08
C PRO D 28 -17.98 -4.21 7.91
N SER D 29 -17.48 -3.00 8.06
CA SER D 29 -18.15 -1.93 8.84
C SER D 29 -18.42 -2.31 10.31
N THR D 30 -17.52 -3.15 10.86
CA THR D 30 -17.50 -3.46 12.29
C THR D 30 -16.04 -3.49 12.77
N PHE D 31 -15.85 -3.50 14.08
CA PHE D 31 -14.50 -3.47 14.68
C PHE D 31 -14.42 -4.02 16.10
N SER D 32 -13.22 -4.43 16.47
CA SER D 32 -12.88 -4.77 17.86
C SER D 32 -11.44 -4.37 18.16
N SER D 33 -11.26 -3.51 19.15
CA SER D 33 -9.93 -3.06 19.57
C SER D 33 -9.30 -3.97 20.61
N ILE D 34 -10.15 -4.58 21.44
CA ILE D 34 -9.71 -5.40 22.57
C ILE D 34 -9.15 -6.75 22.14
N GLY D 35 -10.02 -7.63 21.65
CA GLY D 35 -9.58 -8.97 21.23
C GLY D 35 -10.68 -9.96 20.90
N GLY D 36 -10.70 -11.07 21.63
CA GLY D 36 -11.59 -12.21 21.33
C GLY D 36 -12.93 -12.14 22.02
N GLN D 37 -13.64 -11.05 21.79
CA GLN D 37 -14.99 -10.86 22.31
C GLN D 37 -15.99 -11.63 21.43
N PRO D 38 -17.17 -12.00 21.97
CA PRO D 38 -18.16 -12.72 21.14
C PRO D 38 -18.78 -11.88 20.01
N ASN D 39 -18.68 -10.55 20.09
CA ASN D 39 -19.16 -9.65 19.04
C ASN D 39 -18.15 -8.59 18.60
N CYS D 40 -18.39 -8.02 17.43
CA CYS D 40 -17.73 -6.79 16.98
C CYS D 40 -18.69 -5.62 17.17
N ASN D 41 -18.13 -4.42 17.35
CA ASN D 41 -18.91 -3.19 17.49
C ASN D 41 -19.15 -2.58 16.12
N ILE D 42 -20.33 -2.00 15.92
CA ILE D 42 -20.66 -1.34 14.64
C ILE D 42 -19.85 -0.05 14.49
N CYS D 43 -19.29 0.14 13.29
CA CYS D 43 -18.48 1.31 12.96
C CYS D 43 -19.32 2.57 12.94
N ARG D 44 -18.75 3.65 13.45
CA ARG D 44 -19.36 4.98 13.31
C ARG D 44 -19.32 5.45 11.86
N VAL D 45 -20.31 6.23 11.48
CA VAL D 45 -20.35 6.92 10.19
C VAL D 45 -20.36 8.43 10.46
N CYS D 46 -19.67 9.17 9.59
CA CYS D 46 -19.56 10.63 9.70
C CYS D 46 -20.11 11.31 8.44
N ALA D 47 -21.33 11.84 8.55
CA ALA D 47 -22.04 12.53 7.46
C ALA D 47 -22.71 13.84 7.93
N GLY D 48 -23.25 14.60 6.99
CA GLY D 48 -23.96 15.87 7.27
C GLY D 48 -23.08 16.99 7.80
N TYR D 49 -23.27 17.35 9.08
CA TYR D 49 -22.37 18.28 9.79
C TYR D 49 -21.04 17.62 10.17
N PHE D 50 -21.00 16.29 10.16
CA PHE D 50 -19.79 15.52 10.43
C PHE D 50 -19.05 15.07 9.18
N ARG D 51 -17.73 14.94 9.34
CA ARG D 51 -16.83 14.41 8.32
C ARG D 51 -15.89 13.41 8.99
N PHE D 52 -15.26 12.56 8.18
CA PHE D 52 -14.29 11.58 8.68
C PHE D 52 -12.92 12.20 8.97
N LYS D 53 -12.48 12.09 10.22
CA LYS D 53 -11.11 12.44 10.64
C LYS D 53 -10.21 11.22 10.53
N LYS D 54 -10.75 10.10 11.00
CA LYS D 54 -10.17 8.78 10.85
C LYS D 54 -11.26 7.88 10.31
N PHE D 55 -10.87 6.92 9.50
CA PHE D 55 -11.82 5.94 8.99
C PHE D 55 -11.84 4.73 9.89
N CYS D 56 -12.88 3.94 9.72
CA CYS D 56 -13.01 2.70 10.46
C CYS D 56 -12.10 1.65 9.85
N SER D 57 -11.56 0.81 10.72
CA SER D 57 -10.89 -0.41 10.31
C SER D 57 -11.35 -1.52 11.24
N SER D 58 -10.81 -2.70 11.04
CA SER D 58 -11.19 -3.86 11.87
C SER D 58 -10.74 -3.70 13.32
N THR D 59 -9.74 -2.86 13.56
CA THR D 59 -9.10 -2.71 14.87
C THR D 59 -9.46 -1.44 15.65
N HIS D 60 -9.76 -0.37 14.93
CA HIS D 60 -10.17 0.90 15.55
C HIS D 60 -11.45 1.43 14.92
N ASN D 61 -12.16 2.24 15.69
CA ASN D 61 -13.39 2.89 15.22
C ASN D 61 -13.02 4.12 14.39
N ALA D 62 -13.96 4.52 13.54
CA ALA D 62 -13.87 5.81 12.85
C ALA D 62 -14.01 6.93 13.86
N GLU D 63 -13.37 8.04 13.54
CA GLU D 63 -13.43 9.26 14.35
C GLU D 63 -13.90 10.39 13.48
N CYS D 64 -14.82 11.19 14.00
CA CYS D 64 -15.39 12.28 13.22
C CYS D 64 -14.77 13.64 13.53
N GLU D 65 -14.87 14.47 12.52
CA GLU D 65 -14.56 15.88 12.56
C GLU D 65 -15.88 16.56 12.32
N CYS D 66 -15.92 17.82 12.69
CA CYS D 66 -17.00 18.67 12.26
C CYS D 66 -16.55 19.42 11.02
N ILE D 67 -17.53 19.82 10.22
CA ILE D 67 -17.27 20.62 9.01
C ILE D 67 -16.74 22.01 9.40
N GLU D 68 -16.30 22.76 8.39
CA GLU D 68 -15.82 24.14 8.59
C GLU D 68 -16.89 25.02 9.21
N GLY D 69 -16.48 25.86 10.18
CA GLY D 69 -17.39 26.72 10.95
C GLY D 69 -17.99 26.07 12.18
N PHE D 70 -17.58 24.82 12.44
CA PHE D 70 -18.10 24.04 13.56
C PHE D 70 -16.98 23.27 14.24
N HIS D 71 -17.27 22.76 15.43
CA HIS D 71 -16.30 21.98 16.22
C HIS D 71 -16.98 20.89 17.04
N CYS D 72 -16.22 19.84 17.32
CA CYS D 72 -16.75 18.70 18.07
C CYS D 72 -17.05 19.10 19.51
N LEU D 73 -18.18 18.61 19.98
CA LEU D 73 -18.62 18.79 21.36
C LEU D 73 -18.85 17.40 21.96
N GLY D 74 -18.36 17.19 23.16
CA GLY D 74 -18.63 15.97 23.92
C GLY D 74 -17.50 14.94 23.92
N PRO D 75 -17.80 13.70 24.33
CA PRO D 75 -16.76 12.69 24.54
C PRO D 75 -16.13 12.18 23.24
N GLN D 76 -16.95 11.64 22.34
CA GLN D 76 -16.49 11.07 21.06
C GLN D 76 -17.10 11.82 19.86
N CYS D 77 -17.06 13.15 19.94
CA CYS D 77 -17.62 14.04 18.90
C CYS D 77 -19.06 13.64 18.56
N THR D 78 -19.89 13.59 19.59
CA THR D 78 -21.29 13.16 19.46
C THR D 78 -22.16 14.24 18.80
N ARG D 79 -21.80 15.50 19.02
CA ARG D 79 -22.46 16.64 18.37
C ARG D 79 -21.46 17.66 17.85
N CYS D 80 -21.91 18.46 16.89
CA CYS D 80 -21.17 19.64 16.42
C CYS D 80 -21.81 20.91 16.97
N GLU D 81 -20.94 21.86 17.33
CA GLU D 81 -21.36 23.18 17.78
C GLU D 81 -20.73 24.25 16.88
N LYS D 82 -21.48 25.31 16.64
CA LYS D 82 -20.97 26.42 15.82
C LYS D 82 -19.84 27.13 16.57
N ASP D 83 -18.83 27.54 15.82
CA ASP D 83 -17.62 28.17 16.40
C ASP D 83 -17.98 29.43 17.17
N CYS D 84 -17.22 29.68 18.25
CA CYS D 84 -17.52 30.70 19.26
C CYS D 84 -17.40 32.12 18.71
N ARG D 85 -18.35 32.95 19.13
CA ARG D 85 -18.33 34.39 18.84
C ARG D 85 -17.36 35.09 19.80
N PRO D 86 -17.06 36.39 19.55
CA PRO D 86 -16.33 37.15 20.57
C PRO D 86 -17.19 37.35 21.81
N GLY D 87 -16.53 37.32 22.97
CA GLY D 87 -17.23 37.31 24.25
C GLY D 87 -17.47 35.91 24.80
N GLN D 88 -17.27 34.92 23.94
CA GLN D 88 -17.32 33.51 24.31
C GLN D 88 -15.92 32.91 24.34
N GLU D 89 -15.84 31.74 24.95
CA GLU D 89 -14.60 30.95 25.02
C GLU D 89 -14.97 29.50 24.74
N LEU D 90 -14.08 28.79 24.03
CA LEU D 90 -14.25 27.37 23.79
C LEU D 90 -13.73 26.61 25.01
N THR D 91 -14.66 26.05 25.77
CA THR D 91 -14.35 25.29 26.98
C THR D 91 -14.96 23.94 26.74
N LYS D 92 -14.45 22.88 27.38
CA LYS D 92 -15.08 21.55 27.32
C LYS D 92 -16.51 21.69 27.85
N GLN D 93 -17.43 20.95 27.22
CA GLN D 93 -18.86 21.24 27.29
C GLN D 93 -19.28 22.37 26.34
N GLY D 94 -18.34 22.86 25.52
CA GLY D 94 -18.65 23.80 24.40
C GLY D 94 -18.48 25.29 24.65
N CYS D 95 -18.84 26.11 23.65
CA CYS D 95 -18.80 27.56 23.82
C CYS D 95 -19.53 28.04 25.07
N LYS D 96 -18.87 28.88 25.84
CA LYS D 96 -19.47 29.53 27.00
C LYS D 96 -19.02 30.99 27.13
N THR D 97 -19.95 31.85 27.55
CA THR D 97 -19.71 33.29 27.71
C THR D 97 -18.64 33.56 28.78
N CYS D 98 -17.84 34.60 28.55
CA CYS D 98 -16.78 35.00 29.48
C CYS D 98 -17.38 35.51 30.81
N SER D 99 -16.84 35.00 31.92
CA SER D 99 -17.31 35.41 33.26
C SER D 99 -16.94 36.86 33.55
N LEU D 100 -17.67 37.48 34.49
CA LEU D 100 -17.53 38.92 34.77
C LEU D 100 -16.10 39.30 35.13
N GLY D 101 -15.64 40.40 34.54
CA GLY D 101 -14.25 40.89 34.73
C GLY D 101 -13.26 40.45 33.66
N THR D 102 -13.71 39.55 32.79
CA THR D 102 -12.86 38.94 31.75
C THR D 102 -13.41 39.25 30.37
N PHE D 103 -12.58 39.02 29.35
CA PHE D 103 -13.01 39.26 27.97
C PHE D 103 -12.27 38.43 26.92
N ASN D 104 -12.85 38.40 25.73
CA ASN D 104 -12.21 37.85 24.54
C ASN D 104 -12.74 38.55 23.28
N ASP D 105 -11.88 39.33 22.64
CA ASP D 105 -12.23 40.10 21.42
C ASP D 105 -12.13 39.30 20.11
N GLN D 106 -11.59 38.08 20.20
CA GLN D 106 -11.32 37.26 19.01
C GLN D 106 -12.52 36.43 18.55
N ASN D 107 -12.67 36.35 17.23
CA ASN D 107 -13.77 35.62 16.58
C ASN D 107 -13.35 34.20 16.21
N GLY D 108 -14.13 33.22 16.65
CA GLY D 108 -13.88 31.81 16.34
C GLY D 108 -12.62 31.20 16.96
N THR D 109 -12.05 31.88 17.95
CA THR D 109 -10.79 31.47 18.60
C THR D 109 -10.55 32.21 19.92
N GLY D 110 -9.45 31.87 20.59
CA GLY D 110 -8.97 32.60 21.77
C GLY D 110 -9.52 32.14 23.11
N VAL D 111 -9.02 32.77 24.17
CA VAL D 111 -9.36 32.43 25.57
C VAL D 111 -9.72 33.71 26.35
N CYS D 112 -10.69 33.59 27.27
CA CYS D 112 -11.11 34.72 28.11
C CYS D 112 -9.97 35.12 29.06
N ARG D 113 -9.50 36.35 28.90
CA ARG D 113 -8.43 36.93 29.74
C ARG D 113 -8.99 38.06 30.60
N PRO D 114 -8.42 38.28 31.81
CA PRO D 114 -8.94 39.35 32.65
C PRO D 114 -8.65 40.77 32.11
N TRP D 115 -9.54 41.69 32.42
CA TRP D 115 -9.41 43.09 32.00
C TRP D 115 -8.13 43.73 32.51
N THR D 116 -7.59 44.65 31.72
CA THR D 116 -6.49 45.52 32.16
C THR D 116 -6.89 46.27 33.44
N ASN D 117 -5.94 46.36 34.36
CA ASN D 117 -6.11 47.07 35.64
C ASN D 117 -5.37 48.41 35.54
N CYS D 118 -6.12 49.48 35.29
CA CYS D 118 -5.52 50.82 35.10
C CYS D 118 -4.83 51.38 36.35
N SER D 119 -5.30 51.02 37.55
CA SER D 119 -4.66 51.44 38.81
C SER D 119 -3.26 50.85 38.95
N LEU D 120 -3.12 49.58 38.58
CA LEU D 120 -1.82 48.88 38.59
C LEU D 120 -0.77 49.52 37.70
N ASP D 121 -1.23 50.09 36.58
CA ASP D 121 -0.36 50.82 35.66
C ASP D 121 -0.18 52.29 36.05
N GLY D 122 -0.87 52.72 37.10
CA GLY D 122 -0.91 54.11 37.55
C GLY D 122 -1.66 55.03 36.60
N ARG D 123 -2.80 54.55 36.10
CA ARG D 123 -3.62 55.29 35.11
C ARG D 123 -5.11 55.31 35.44
N SER D 124 -5.81 56.19 34.73
CA SER D 124 -7.27 56.36 34.85
C SER D 124 -8.02 55.51 33.82
N VAL D 125 -9.33 55.29 34.05
CA VAL D 125 -10.18 54.51 33.13
C VAL D 125 -10.89 55.43 32.16
N LEU D 126 -10.60 55.27 30.88
CA LEU D 126 -11.28 56.01 29.80
C LEU D 126 -12.56 55.32 29.34
N LYS D 127 -12.47 54.02 29.13
CA LYS D 127 -13.64 53.20 28.77
C LYS D 127 -13.74 51.92 29.57
N THR D 128 -14.97 51.51 29.84
CA THR D 128 -15.30 50.33 30.63
C THR D 128 -15.16 49.06 29.79
N GLY D 129 -14.89 47.97 30.49
CA GLY D 129 -14.76 46.65 29.88
C GLY D 129 -16.08 45.98 29.57
N THR D 130 -16.01 45.05 28.62
CA THR D 130 -17.14 44.26 28.13
C THR D 130 -16.64 42.82 28.07
N THR D 131 -17.56 41.88 27.85
CA THR D 131 -17.19 40.48 27.53
C THR D 131 -16.36 40.36 26.24
N GLU D 132 -16.54 41.32 25.33
CA GLU D 132 -15.84 41.36 24.02
C GLU D 132 -14.77 42.44 23.88
N LYS D 133 -14.65 43.31 24.89
CA LYS D 133 -13.79 44.51 24.82
C LYS D 133 -13.01 44.72 26.11
N ASP D 134 -11.72 44.94 25.97
CA ASP D 134 -10.88 45.31 27.11
C ASP D 134 -11.22 46.73 27.57
N VAL D 135 -10.96 46.97 28.86
CA VAL D 135 -11.00 48.33 29.39
C VAL D 135 -9.93 49.14 28.65
N VAL D 136 -10.26 50.39 28.36
CA VAL D 136 -9.30 51.34 27.80
C VAL D 136 -8.82 52.21 28.95
N CYS D 137 -7.51 52.30 29.12
CA CYS D 137 -6.90 53.15 30.15
C CYS D 137 -6.53 54.53 29.60
N GLY D 138 -6.28 55.46 30.52
CA GLY D 138 -6.00 56.87 30.22
C GLY D 138 -4.55 57.26 30.28
N PRO D 139 -4.24 58.57 30.13
CA PRO D 139 -2.86 59.04 29.93
C PRO D 139 -1.96 58.97 31.17
C1 NAG E . 25.94 -40.35 -5.63
C2 NAG E . 27.01 -40.04 -6.67
C3 NAG E . 28.41 -40.31 -6.12
C4 NAG E . 28.64 -39.78 -4.70
C5 NAG E . 27.45 -40.08 -3.78
C6 NAG E . 27.50 -39.33 -2.45
C7 NAG E . 26.44 -40.41 -9.08
C8 NAG E . 26.31 -41.49 -10.12
N2 NAG E . 26.80 -40.87 -7.86
O3 NAG E . 29.35 -39.69 -7.01
O4 NAG E . 29.82 -40.36 -4.11
O5 NAG E . 26.25 -39.66 -4.43
O6 NAG E . 26.82 -38.08 -2.62
O7 NAG E . 26.22 -39.24 -9.36
C1 NAG E . 30.81 -39.37 -3.76
C2 NAG E . 31.74 -39.91 -2.68
C3 NAG E . 33.07 -39.14 -2.56
C4 NAG E . 33.60 -38.58 -3.88
C5 NAG E . 32.46 -37.92 -4.65
C6 NAG E . 32.89 -37.24 -5.96
C7 NAG E . 30.40 -40.91 -0.84
C8 NAG E . 29.78 -40.62 0.49
N2 NAG E . 31.05 -39.89 -1.40
O3 NAG E . 34.04 -40.01 -1.97
O4 NAG E . 34.63 -37.59 -3.64
O5 NAG E . 31.49 -38.92 -4.93
O6 NAG E . 33.54 -38.20 -6.80
O7 NAG E . 30.30 -42.02 -1.36
C1 BMA E . 35.98 -38.09 -3.70
C2 BMA E . 36.91 -36.93 -4.05
C3 BMA E . 38.39 -37.34 -3.96
C4 BMA E . 38.67 -37.99 -2.60
C5 BMA E . 37.72 -39.17 -2.39
C6 BMA E . 37.96 -39.85 -1.05
O2 BMA E . 36.66 -35.80 -3.21
O3 BMA E . 39.23 -36.20 -4.13
O4 BMA E . 40.04 -38.42 -2.56
O5 BMA E . 36.38 -38.70 -2.46
O6 BMA E . 36.97 -40.86 -0.85
C1 FUC E . 27.12 -37.11 -1.60
C2 FUC E . 27.94 -35.97 -2.21
C3 FUC E . 27.11 -35.02 -3.06
C4 FUC E . 25.81 -34.62 -2.37
C5 FUC E . 25.07 -35.87 -1.89
C6 FUC E . 23.78 -35.51 -1.16
O2 FUC E . 28.99 -36.50 -3.03
O3 FUC E . 27.91 -33.86 -3.33
O4 FUC E . 26.13 -33.77 -1.26
O5 FUC E . 25.92 -36.60 -1.01
C1 NAG F . 32.04 17.67 -9.33
C2 NAG F . 30.59 17.26 -9.57
C3 NAG F . 30.48 15.76 -9.70
C4 NAG F . 31.44 15.26 -10.77
C5 NAG F . 32.85 15.75 -10.44
C6 NAG F . 33.93 15.31 -11.42
C7 NAG F . 28.64 18.50 -8.69
C8 NAG F . 27.97 18.99 -7.44
N2 NAG F . 29.77 17.80 -8.51
O3 NAG F . 29.11 15.46 -9.97
O4 NAG F . 31.47 13.83 -10.85
O5 NAG F . 32.87 17.17 -10.38
O6 NAG F . 33.73 16.03 -12.64
O7 NAG F . 28.16 18.73 -9.79
C1 NAG F . 30.39 13.25 -11.57
C2 NAG F . 30.89 11.91 -12.11
C3 NAG F . 29.79 10.96 -12.57
C4 NAG F . 28.55 10.93 -11.66
C5 NAG F . 28.19 12.36 -11.25
C6 NAG F . 27.10 12.41 -10.19
C7 NAG F . 33.13 11.91 -13.14
C8 NAG F . 33.89 12.19 -14.41
N2 NAG F . 31.81 12.13 -13.21
O3 NAG F . 30.41 9.67 -12.60
O4 NAG F . 27.39 10.40 -12.33
O5 NAG F . 29.30 13.04 -10.70
O6 NAG F . 26.61 13.75 -10.17
O7 NAG F . 33.71 11.53 -12.14
C1 BMA F . 27.26 8.99 -12.64
C2 BMA F . 27.77 8.04 -11.55
C3 BMA F . 27.49 6.58 -11.92
C4 BMA F . 26.00 6.38 -12.18
C5 BMA F . 25.54 7.36 -13.25
C6 BMA F . 24.03 7.23 -13.50
O2 BMA F . 27.12 8.37 -10.32
O3 BMA F . 27.93 5.72 -10.86
O4 BMA F . 25.73 5.02 -12.56
O5 BMA F . 25.86 8.71 -12.88
O6 BMA F . 23.27 7.44 -12.29
C1 MAN F . 21.85 7.31 -12.54
C2 MAN F . 21.29 8.67 -12.96
C3 MAN F . 20.69 9.50 -11.83
C4 MAN F . 19.78 8.62 -10.97
C5 MAN F . 20.63 7.51 -10.37
C6 MAN F . 19.82 6.65 -9.39
O2 MAN F . 20.30 8.47 -13.99
O3 MAN F . 19.96 10.62 -12.37
O4 MAN F . 19.14 9.40 -9.95
O5 MAN F . 21.15 6.68 -11.44
O6 MAN F . 20.27 5.29 -9.37
C1 FUC F . 34.95 16.16 -13.38
C2 FUC F . 34.62 16.72 -14.75
C3 FUC F . 34.18 18.17 -14.66
C4 FUC F . 35.25 18.97 -13.93
C5 FUC F . 35.48 18.36 -12.54
C6 FUC F . 36.53 19.08 -11.70
O2 FUC F . 33.59 15.94 -15.36
O3 FUC F . 33.96 18.71 -15.97
O4 FUC F . 36.46 18.97 -14.70
O5 FUC F . 35.89 17.00 -12.70
C1 NAG G . -33.88 -33.58 -27.20
C2 NAG G . -34.56 -32.25 -27.56
C3 NAG G . -35.15 -32.26 -28.98
C4 NAG G . -34.50 -33.20 -30.02
C5 NAG G . -33.82 -34.43 -29.42
C6 NAG G . -32.87 -35.08 -30.42
C7 NAG G . -36.39 -30.88 -26.55
C8 NAG G . -37.35 -30.82 -25.41
N2 NAG G . -35.58 -31.96 -26.56
O3 NAG G . -35.07 -30.93 -29.50
O4 NAG G . -35.53 -33.64 -30.93
O5 NAG G . -33.07 -34.02 -28.27
O6 NAG G . -33.59 -35.51 -31.59
O7 NAG G . -36.39 -30.01 -27.39
C1 NAG G . -35.57 -32.89 -32.17
C2 NAG G . -36.84 -33.26 -32.95
C3 NAG G . -36.93 -32.46 -34.25
C4 NAG G . -36.64 -30.95 -34.08
C5 NAG G . -35.43 -30.73 -33.17
C6 NAG G . -35.26 -29.26 -32.76
C7 NAG G . -37.94 -35.48 -33.15
C8 NAG G . -37.71 -36.94 -33.43
N2 NAG G . -36.84 -34.71 -33.20
O3 NAG G . -38.25 -32.62 -34.79
O4 NAG G . -36.31 -30.34 -35.35
O5 NAG G . -35.57 -31.48 -31.97
O6 NAG G . -35.26 -28.40 -33.91
O7 NAG G . -39.07 -35.06 -32.93
C1 BMA G . -37.41 -29.85 -36.16
C2 BMA G . -37.27 -28.34 -36.38
C3 BMA G . -38.12 -27.78 -37.55
C4 BMA G . -38.08 -28.71 -38.76
C5 BMA G . -38.39 -30.15 -38.34
C6 BMA G . -38.40 -31.10 -39.53
O2 BMA G . -35.90 -28.00 -36.62
O3 BMA G . -37.65 -26.48 -37.98
O4 BMA G . -39.03 -28.27 -39.74
O5 BMA G . -37.40 -30.57 -37.40
O6 BMA G . -39.75 -31.39 -39.90
C1 MAN G . -38.05 -25.38 -37.12
C2 MAN G . -38.92 -24.40 -37.91
C3 MAN G . -38.14 -23.29 -38.66
C4 MAN G . -37.02 -22.73 -37.81
C5 MAN G . -36.13 -23.89 -37.35
C6 MAN G . -34.88 -23.44 -36.59
O2 MAN G . -39.86 -23.79 -37.02
O3 MAN G . -39.02 -22.23 -39.07
O4 MAN G . -36.27 -21.75 -38.55
O5 MAN G . -36.92 -24.73 -36.51
O6 MAN G . -33.72 -23.74 -37.37
C1 NAG H . -5.82 46.45 40.58
C2 NAG H . -5.88 45.37 41.66
C3 NAG H . -5.79 45.94 43.09
C4 NAG H . -4.60 46.88 43.31
C5 NAG H . -4.54 47.88 42.14
C6 NAG H . -3.29 48.79 42.17
C7 NAG H . -7.25 43.57 40.69
C8 NAG H . -8.57 42.85 40.79
N2 NAG H . -7.10 44.56 41.57
O3 NAG H . -5.69 44.82 43.97
O4 NAG H . -4.74 47.62 44.55
O5 NAG H . -4.63 47.23 40.87
O6 NAG H . -2.25 48.41 43.11
O7 NAG H . -6.41 43.25 39.87
C1 NAG H . -4.29 46.96 45.75
C2 NAG H . -4.29 47.92 46.95
C3 NAG H . -3.97 47.20 48.27
C4 NAG H . -4.82 45.94 48.47
C5 NAG H . -4.65 45.07 47.23
C6 NAG H . -5.44 43.78 47.30
C7 NAG H . -3.58 50.10 46.02
C8 NAG H . -2.49 51.13 46.00
N2 NAG H . -3.35 49.03 46.79
O3 NAG H . -4.16 48.13 49.36
O4 NAG H . -4.43 45.19 49.64
O5 NAG H . -5.10 45.83 46.09
O6 NAG H . -5.43 43.15 46.03
O7 NAG H . -4.58 50.24 45.35
C1 BMA H . -4.87 45.78 50.90
C2 BMA H . -5.34 44.72 51.89
C3 BMA H . -5.98 45.43 53.08
C4 BMA H . -5.05 46.48 53.69
C5 BMA H . -4.32 47.34 52.63
C6 BMA H . -3.15 48.11 53.24
O2 BMA H . -4.24 43.92 52.34
O3 BMA H . -6.33 44.46 54.09
O4 BMA H . -5.83 47.33 54.52
O5 BMA H . -3.84 46.54 51.53
O6 BMA H . -3.62 49.38 53.73
C1 MAN H . -2.73 50.50 53.48
C2 MAN H . -3.41 51.76 54.02
C3 MAN H . -4.66 52.09 53.19
C4 MAN H . -4.34 52.14 51.69
C5 MAN H . -3.51 50.94 51.23
C6 MAN H . -2.98 51.11 49.81
O2 MAN H . -2.49 52.86 53.97
O3 MAN H . -5.21 53.35 53.59
O4 MAN H . -5.59 52.15 50.99
O5 MAN H . -2.39 50.72 52.11
O6 MAN H . -2.08 52.21 49.72
C1 FUC H . -1.22 47.53 42.58
C2 FUC H . 0.14 48.27 42.46
C3 FUC H . 0.99 48.28 43.74
C4 FUC H . 0.94 46.95 44.51
C5 FUC H . -0.52 46.52 44.67
C6 FUC H . -0.65 45.25 45.50
O2 FUC H . -0.08 49.64 42.08
O3 FUC H . 2.35 48.60 43.38
O4 FUC H . 1.69 45.95 43.81
O5 FUC H . -1.07 46.33 43.36
C1 GOL I . 29.20 -10.35 -22.52
O1 GOL I . 29.95 -9.19 -22.12
C2 GOL I . 28.70 -10.30 -23.99
O2 GOL I . 28.87 -11.57 -24.62
C3 GOL I . 29.44 -9.30 -24.86
O3 GOL I . 28.93 -9.37 -26.20
C1 GOL J . 32.92 -14.03 -11.56
O1 GOL J . 34.03 -14.10 -10.67
C2 GOL J . 33.39 -13.64 -12.97
O2 GOL J . 34.10 -12.40 -12.91
C3 GOL J . 32.19 -13.52 -13.92
O3 GOL J . 32.31 -14.31 -15.12
C1 GOL K . 25.65 -49.87 -14.88
O1 GOL K . 26.32 -51.14 -14.83
C2 GOL K . 24.98 -49.55 -13.54
O2 GOL K . 23.92 -48.60 -13.71
C3 GOL K . 26.02 -48.97 -12.56
O3 GOL K . 25.41 -48.56 -11.33
C1 GOL L . 18.88 3.82 -22.99
O1 GOL L . 20.17 4.44 -23.06
C2 GOL L . 18.92 2.57 -22.12
O2 GOL L . 17.57 2.14 -21.85
C3 GOL L . 19.68 2.84 -20.81
O3 GOL L . 19.19 2.06 -19.71
C1 GOL M . 21.55 10.23 -23.96
O1 GOL M . 21.55 11.65 -24.13
C2 GOL M . 21.18 9.88 -22.52
O2 GOL M . 21.83 8.65 -22.16
C3 GOL M . 19.66 9.71 -22.38
O3 GOL M . 19.19 10.00 -21.05
C1 EDO N . 9.19 12.38 -6.27
O1 EDO N . 9.50 13.50 -7.11
C2 EDO N . 10.39 11.98 -5.42
O2 EDO N . 11.47 12.90 -5.58
C1 GOL O . 2.50 -16.77 5.73
O1 GOL O . 2.97 -17.70 4.74
C2 GOL O . 2.92 -15.35 5.40
O2 GOL O . 2.54 -14.46 6.45
C3 GOL O . 2.27 -14.88 4.10
O3 GOL O . 2.71 -13.56 3.76
C1 EDO P . 24.05 -8.60 7.78
O1 EDO P . 23.73 -7.72 6.68
C2 EDO P . 24.45 -7.79 9.00
O2 EDO P . 24.74 -8.66 10.10
C1 EDO Q . -10.04 -12.42 4.83
O1 EDO Q . -10.30 -11.85 3.55
C2 EDO Q . -10.02 -11.30 5.87
O2 EDO Q . -9.10 -10.29 5.44
C1 EDO R . 0.33 -2.48 18.43
O1 EDO R . 1.34 -2.68 17.44
C2 EDO R . -0.54 -1.29 18.02
O2 EDO R . -1.64 -1.08 18.93
C1 NAG S . 20.21 12.16 15.08
C2 NAG S . 21.05 13.08 16.00
C3 NAG S . 21.26 12.50 17.41
C4 NAG S . 20.00 11.83 17.98
C5 NAG S . 19.40 10.88 16.94
C6 NAG S . 18.21 10.10 17.48
C7 NAG S . 22.71 14.45 14.77
C8 NAG S . 24.10 14.45 14.21
N2 NAG S . 22.35 13.31 15.38
O3 NAG S . 21.66 13.55 18.29
O4 NAG S . 20.35 11.10 19.16
O5 NAG S . 19.05 11.67 15.78
O6 NAG S . 18.65 8.86 18.04
O7 NAG S . 21.98 15.43 14.66
C1 GOL T . 28.10 19.13 16.23
O1 GOL T . 26.87 19.85 16.07
C2 GOL T . 29.00 19.86 17.22
O2 GOL T . 30.33 19.34 17.11
C3 GOL T . 28.48 19.66 18.66
O3 GOL T . 28.50 20.87 19.44
C1 EDO U . -13.74 -11.47 -7.64
O1 EDO U . -13.48 -10.58 -8.73
C2 EDO U . -13.64 -10.71 -6.33
O2 EDO U . -12.29 -10.45 -5.91
C1 GOL V . -38.30 -20.02 -42.77
O1 GOL V . -37.91 -21.35 -42.42
C2 GOL V . -39.02 -19.37 -41.59
O2 GOL V . -39.75 -18.22 -42.05
C3 GOL V . -38.01 -18.95 -40.54
O3 GOL V . -38.65 -18.29 -39.43
C1 EDO W . -12.65 19.76 13.99
O1 EDO W . -13.29 20.58 12.99
C2 EDO W . -13.48 19.81 15.26
O2 EDO W . -13.02 18.91 16.27
C1 EDO X . -27.85 20.99 25.49
O1 EDO X . -29.21 21.22 25.87
C2 EDO X . -26.89 21.41 26.61
O2 EDO X . -25.63 21.85 26.07
C1 EDO Y . -6.05 -3.43 10.42
O1 EDO Y . -6.83 -3.75 9.28
C2 EDO Y . -5.60 -1.96 10.36
O2 EDO Y . -5.64 -1.31 11.63
C1 GOL Z . -12.23 49.54 21.10
O1 GOL Z . -11.52 49.71 22.33
C2 GOL Z . -12.99 50.82 20.74
O2 GOL Z . -14.12 50.53 19.91
C3 GOL Z . -12.06 51.80 20.03
O3 GOL Z . -12.78 52.88 19.40
#